data_1WTE
#
_entry.id   1WTE
#
_cell.length_a   49.103
_cell.length_b   71.879
_cell.length_c   203.240
_cell.angle_alpha   90.00
_cell.angle_beta   90.00
_cell.angle_gamma   90.00
#
_symmetry.space_group_name_H-M   'P 21 21 21'
#
loop_
_entity.id
_entity.type
_entity.pdbx_description
1 polymer "5'-D(*AP*CP*CP*GP*GP*GP*CP*CP*CP*TP*GP*CP*C)-3'"
2 polymer "5'-D(*GP*GP*CP*AP*GP*GP*GP*CP*CP*CP*GP*GP*T)-3'"
3 polymer EcoO109IR
4 non-polymer 'SODIUM ION'
5 water water
#
loop_
_entity_poly.entity_id
_entity_poly.type
_entity_poly.pdbx_seq_one_letter_code
_entity_poly.pdbx_strand_id
1 'polydeoxyribonucleotide' (DA)(DC)(DC)(DG)(DG)(DG)(DC)(DC)(DC)(DT)(DG)(DC)(DC) X
2 'polydeoxyribonucleotide' (DG)(DG)(DC)(DA)(DG)(DG)(DG)(DC)(DC)(DC)(DG)(DG)(DT) Y
3 'polypeptide(L)'
;MNKQEVILKVQECAAWWILERQSKLTKLMSETMSINPFMTPFIFDYHSLNDFDELVEAIIAKHLMTGHDTGFGKLIDEKI
LPRVFGAYKLDKSYRAANEPFIHPCFDEIDHVIQRDDGRIELLSLKAGKWTIQLTMAVQLNKAFHEIINNYPGVADNIVV
GVFYGNSHGLTDKYRILRGINTGANHNVIDIRDKVHVYAGKEFWSWLNNGEAETQHWVLEGIERAVKEADIKEKNKDLIE
KFKEHVAKKYNEQVLNADGTAQWHKLLEMINE
;
A,B
#
# COMPACT_ATOMS: atom_id res chain seq x y z
N MET C 1 16.19 28.06 2.75
CA MET C 1 17.46 27.37 2.52
C MET C 1 17.89 27.63 1.06
N ASN C 2 19.16 27.95 0.84
CA ASN C 2 19.69 28.13 -0.50
C ASN C 2 20.17 26.86 -1.17
N LYS C 3 20.65 27.00 -2.42
CA LYS C 3 21.01 25.83 -3.25
C LYS C 3 22.09 24.92 -2.61
N GLN C 4 23.14 25.51 -2.03
CA GLN C 4 24.23 24.68 -1.45
C GLN C 4 23.73 23.98 -0.18
N GLU C 5 23.02 24.74 0.64
CA GLU C 5 22.43 24.17 1.91
C GLU C 5 21.61 22.91 1.63
N VAL C 6 20.76 23.02 0.61
CA VAL C 6 19.85 21.93 0.29
C VAL C 6 20.54 20.72 -0.32
N ILE C 7 21.37 20.96 -1.36
CA ILE C 7 22.07 19.87 -2.05
C ILE C 7 22.95 19.09 -1.08
N LEU C 8 23.83 19.78 -0.36
CA LEU C 8 24.78 19.12 0.55
C LEU C 8 24.18 18.30 1.68
N LYS C 9 23.16 18.83 2.31
CA LYS C 9 22.46 18.18 3.39
C LYS C 9 21.52 17.08 2.88
N VAL C 10 20.89 17.22 1.72
CA VAL C 10 20.14 16.08 1.15
C VAL C 10 21.11 14.94 0.85
N GLN C 11 22.27 15.28 0.31
CA GLN C 11 23.27 14.26 -0.02
C GLN C 11 23.63 13.42 1.19
N GLU C 12 23.87 14.12 2.29
CA GLU C 12 24.20 13.48 3.55
C GLU C 12 23.07 12.49 3.95
N CYS C 13 21.83 12.94 3.92
CA CYS C 13 20.67 12.10 4.29
C CYS C 13 20.54 10.87 3.40
N ALA C 14 20.60 11.11 2.10
CA ALA C 14 20.55 10.05 1.10
C ALA C 14 21.71 9.03 1.18
N ALA C 15 22.92 9.52 1.42
CA ALA C 15 24.07 8.63 1.63
C ALA C 15 23.74 7.60 2.69
N TRP C 16 23.26 8.10 3.86
CA TRP C 16 22.81 7.26 4.98
C TRP C 16 21.79 6.26 4.48
N TRP C 17 20.82 6.71 3.70
CA TRP C 17 19.68 5.87 3.31
C TRP C 17 20.12 4.74 2.39
N ILE C 18 21.06 5.05 1.49
CA ILE C 18 21.66 4.01 0.62
C ILE C 18 22.28 2.88 1.45
N LEU C 19 23.04 3.19 2.49
CA LEU C 19 23.59 2.16 3.38
C LEU C 19 22.50 1.29 4.04
N GLU C 20 21.44 1.96 4.45
CA GLU C 20 20.35 1.30 5.09
C GLU C 20 19.71 0.27 4.16
N ARG C 21 19.45 0.66 2.91
CA ARG C 21 18.90 -0.24 1.89
C ARG C 21 19.88 -1.35 1.47
N GLN C 22 21.19 -1.11 1.57
CA GLN C 22 22.20 -2.15 1.32
C GLN C 22 22.19 -3.20 2.39
N SER C 23 22.01 -2.74 3.63
CA SER C 23 22.00 -3.59 4.79
C SER C 23 20.83 -4.59 4.82
N LYS C 24 19.74 -4.23 4.16
CA LYS C 24 18.63 -5.14 3.90
C LYS C 24 19.15 -6.45 3.26
N LEU C 25 20.09 -6.28 2.33
CA LEU C 25 20.69 -7.38 1.58
C LEU C 25 21.81 -8.04 2.34
N THR C 26 22.72 -7.25 2.88
CA THR C 26 23.85 -7.84 3.54
C THR C 26 23.44 -8.58 4.79
N LYS C 27 22.43 -8.10 5.50
CA LYS C 27 21.97 -8.78 6.69
C LYS C 27 20.89 -9.83 6.40
N LEU C 28 20.53 -10.00 5.13
CA LEU C 28 19.64 -11.07 4.72
C LEU C 28 18.31 -10.97 5.50
N MET C 29 17.75 -9.77 5.51
CA MET C 29 16.54 -9.51 6.30
C MET C 29 15.28 -9.76 5.44
N SER C 30 14.75 -10.98 5.53
CA SER C 30 13.59 -11.42 4.72
C SER C 30 12.31 -11.64 5.56
N GLU C 31 12.41 -11.40 6.87
CA GLU C 31 11.31 -11.72 7.82
C GLU C 31 10.03 -10.90 7.54
N THR C 32 10.19 -9.72 6.94
CA THR C 32 9.10 -8.80 6.63
C THR C 32 8.40 -9.01 5.28
N MET C 33 8.84 -10.01 4.52
CA MET C 33 8.30 -10.29 3.22
C MET C 33 7.11 -11.24 3.23
N SER C 34 5.95 -10.76 2.80
CA SER C 34 4.78 -11.62 2.71
C SER C 34 4.65 -12.28 1.34
N ILE C 35 4.05 -13.47 1.33
CA ILE C 35 3.67 -14.16 0.10
C ILE C 35 2.21 -14.56 0.17
N ASN C 36 1.44 -14.18 -0.84
CA ASN C 36 0.02 -14.58 -0.96
C ASN C 36 -0.04 -15.94 -1.69
N PRO C 37 -0.37 -17.01 -0.94
CA PRO C 37 -0.23 -18.37 -1.54
C PRO C 37 -1.31 -18.71 -2.57
N PHE C 38 -2.36 -17.90 -2.64
CA PHE C 38 -3.37 -18.11 -3.63
C PHE C 38 -2.96 -17.56 -4.98
N MET C 39 -2.05 -16.59 -5.00
CA MET C 39 -1.74 -15.89 -6.23
C MET C 39 -0.54 -16.49 -6.94
N THR C 40 0.24 -17.30 -6.27
CA THR C 40 1.44 -17.84 -6.87
C THR C 40 1.32 -18.56 -8.25
N PRO C 41 0.33 -19.48 -8.45
CA PRO C 41 0.16 -20.09 -9.76
C PRO C 41 -0.12 -19.04 -10.81
N PHE C 42 -0.84 -17.97 -10.43
CA PHE C 42 -1.24 -16.92 -11.37
C PHE C 42 -0.04 -16.10 -11.83
N ILE C 43 0.78 -15.70 -10.88
CA ILE C 43 1.95 -14.89 -11.15
C ILE C 43 2.96 -15.69 -12.00
N PHE C 44 3.10 -16.97 -11.65
CA PHE C 44 4.04 -17.87 -12.34
C PHE C 44 3.80 -17.85 -13.83
N ASP C 45 2.55 -18.04 -14.25
CA ASP C 45 2.25 -18.00 -15.67
C ASP C 45 2.09 -16.61 -16.29
N TYR C 46 1.52 -15.65 -15.57
CA TYR C 46 1.29 -14.30 -16.16
C TYR C 46 2.59 -13.60 -16.55
N HIS C 47 3.63 -13.82 -15.77
CA HIS C 47 4.93 -13.22 -15.96
C HIS C 47 5.94 -14.24 -16.57
N SER C 48 5.44 -15.38 -17.08
CA SER C 48 6.25 -16.32 -17.84
C SER C 48 7.51 -16.80 -17.15
N LEU C 49 7.36 -17.22 -15.89
CA LEU C 49 8.47 -17.63 -15.07
C LEU C 49 8.76 -19.10 -15.35
N ASN C 50 10.04 -19.47 -15.30
CA ASN C 50 10.46 -20.82 -15.76
C ASN C 50 10.76 -21.85 -14.71
N ASP C 51 11.00 -21.42 -13.48
CA ASP C 51 11.37 -22.32 -12.39
C ASP C 51 11.20 -21.59 -11.04
N PHE C 52 11.45 -22.30 -9.96
CA PHE C 52 11.07 -21.78 -8.64
C PHE C 52 11.98 -20.62 -8.27
N ASP C 53 13.27 -20.76 -8.57
CA ASP C 53 14.23 -19.66 -8.46
C ASP C 53 13.73 -18.34 -9.15
N GLU C 54 13.20 -18.46 -10.37
CA GLU C 54 12.62 -17.29 -11.06
C GLU C 54 11.40 -16.73 -10.31
N LEU C 55 10.60 -17.60 -9.69
CA LEU C 55 9.46 -17.14 -8.87
C LEU C 55 9.93 -16.33 -7.66
N VAL C 56 10.88 -16.89 -6.91
CA VAL C 56 11.49 -16.22 -5.76
C VAL C 56 12.12 -14.89 -6.16
N GLU C 57 12.79 -14.85 -7.31
CA GLU C 57 13.37 -13.62 -7.84
C GLU C 57 12.31 -12.55 -8.10
N ALA C 58 11.20 -12.90 -8.74
CA ALA C 58 10.13 -11.93 -8.99
C ALA C 58 9.52 -11.40 -7.68
N ILE C 59 9.40 -12.27 -6.71
CA ILE C 59 8.80 -11.93 -5.41
C ILE C 59 9.71 -11.01 -4.61
N ILE C 60 10.99 -11.35 -4.58
CA ILE C 60 11.99 -10.54 -3.96
C ILE C 60 12.09 -9.15 -4.58
N ALA C 61 12.09 -9.07 -5.91
CA ALA C 61 12.15 -7.76 -6.58
C ALA C 61 10.98 -6.88 -6.19
N LYS C 62 9.76 -7.41 -6.27
CA LYS C 62 8.58 -6.72 -5.75
C LYS C 62 8.72 -6.27 -4.27
N HIS C 63 9.22 -7.13 -3.38
CA HIS C 63 9.37 -6.80 -1.97
C HIS C 63 10.38 -5.64 -1.82
N LEU C 64 11.47 -5.71 -2.55
CA LEU C 64 12.49 -4.65 -2.52
C LEU C 64 11.94 -3.29 -2.98
N MET C 65 11.19 -3.30 -4.07
CA MET C 65 10.56 -2.08 -4.53
C MET C 65 9.58 -1.45 -3.50
N THR C 66 8.76 -2.28 -2.86
CA THR C 66 7.82 -1.86 -1.82
C THR C 66 8.61 -1.21 -0.67
N GLY C 67 9.70 -1.88 -0.24
CA GLY C 67 10.63 -1.40 0.76
C GLY C 67 11.26 -0.10 0.41
N HIS C 68 11.62 0.11 -0.87
CA HIS C 68 12.23 1.36 -1.32
C HIS C 68 11.22 2.54 -1.19
N ASP C 69 9.95 2.31 -1.60
CA ASP C 69 8.96 3.37 -1.52
C ASP C 69 8.72 3.74 -0.05
N THR C 70 8.61 2.75 0.81
CA THR C 70 8.37 2.94 2.22
C THR C 70 9.53 3.71 2.88
N GLY C 71 10.76 3.25 2.66
CA GLY C 71 11.94 3.87 3.28
C GLY C 71 12.14 5.28 2.77
N PHE C 72 11.83 5.52 1.51
CA PHE C 72 12.02 6.82 0.92
C PHE C 72 11.03 7.84 1.55
N GLY C 73 9.77 7.44 1.73
CA GLY C 73 8.80 8.35 2.37
C GLY C 73 9.26 8.65 3.79
N LYS C 74 9.77 7.63 4.50
CA LYS C 74 10.33 7.85 5.84
C LYS C 74 11.53 8.78 5.83
N LEU C 75 12.37 8.66 4.77
CA LEU C 75 13.61 9.48 4.64
C LEU C 75 13.27 10.97 4.56
N ILE C 76 12.32 11.28 3.69
CA ILE C 76 11.87 12.65 3.46
C ILE C 76 11.33 13.25 4.76
N ASP C 77 10.52 12.45 5.44
CA ASP C 77 9.76 12.88 6.60
C ASP C 77 10.71 13.05 7.82
N GLU C 78 11.49 12.02 8.09
CA GLU C 78 12.17 11.90 9.36
C GLU C 78 13.58 12.52 9.33
N LYS C 79 14.22 12.60 8.15
CA LYS C 79 15.62 13.05 8.05
C LYS C 79 15.71 14.37 7.28
N ILE C 80 15.23 14.37 6.04
CA ILE C 80 15.44 15.53 5.13
C ILE C 80 14.69 16.76 5.63
N LEU C 81 13.41 16.61 5.99
CA LEU C 81 12.67 17.78 6.37
C LEU C 81 13.35 18.46 7.59
N PRO C 82 13.60 17.70 8.66
CA PRO C 82 14.23 18.36 9.81
C PRO C 82 15.64 18.80 9.54
N ARG C 83 16.47 17.93 8.98
CA ARG C 83 17.89 18.23 8.91
C ARG C 83 18.23 19.22 7.83
N VAL C 84 17.46 19.21 6.74
CA VAL C 84 17.77 20.08 5.64
C VAL C 84 16.93 21.35 5.76
N PHE C 85 15.63 21.23 6.14
CA PHE C 85 14.78 22.39 6.11
C PHE C 85 14.43 23.01 7.51
N GLY C 86 14.91 22.38 8.59
CA GLY C 86 14.60 22.85 9.93
C GLY C 86 13.17 22.66 10.42
N ALA C 87 12.43 21.73 9.79
CA ALA C 87 11.08 21.41 10.28
C ALA C 87 11.23 20.68 11.62
N TYR C 88 10.33 20.93 12.56
CA TYR C 88 10.38 20.20 13.82
C TYR C 88 9.52 18.97 13.72
N LYS C 89 10.13 17.81 13.81
CA LYS C 89 9.41 16.55 13.66
C LYS C 89 8.68 16.23 14.97
N LEU C 90 7.45 15.78 14.84
CA LEU C 90 6.67 15.41 16.03
C LEU C 90 7.02 13.95 16.33
N ASP C 91 8.23 13.71 16.85
CA ASP C 91 8.61 12.35 17.23
C ASP C 91 8.22 12.19 18.70
N LYS C 92 8.56 11.03 19.28
CA LYS C 92 8.08 10.70 20.63
C LYS C 92 8.54 11.75 21.60
N SER C 93 9.82 12.06 21.53
CA SER C 93 10.44 13.01 22.45
C SER C 93 9.85 14.46 22.34
N TYR C 94 9.72 14.95 21.12
CA TYR C 94 9.14 16.26 20.87
C TYR C 94 7.73 16.37 21.43
N ARG C 95 6.92 15.36 21.12
CA ARG C 95 5.51 15.37 21.52
C ARG C 95 5.29 15.34 23.03
N ALA C 96 6.12 14.59 23.74
CA ALA C 96 6.07 14.47 25.24
C ALA C 96 6.45 15.83 25.85
N ALA C 97 7.33 16.56 25.18
CA ALA C 97 7.90 17.76 25.74
C ALA C 97 7.16 19.03 25.39
N ASN C 98 6.30 19.00 24.38
CA ASN C 98 5.69 20.21 23.86
C ASN C 98 4.18 20.10 23.87
N GLU C 99 3.57 20.82 24.80
CA GLU C 99 2.11 20.92 24.93
C GLU C 99 1.51 21.54 23.70
N PRO C 100 0.30 21.09 23.25
CA PRO C 100 -0.49 19.94 23.63
C PRO C 100 -0.31 18.72 22.70
N PHE C 101 0.89 18.54 22.15
CA PHE C 101 1.12 17.59 21.09
C PHE C 101 1.01 16.12 21.47
N ILE C 102 0.79 15.84 22.76
CA ILE C 102 0.70 14.45 23.21
C ILE C 102 -0.66 13.85 22.82
N HIS C 103 -1.64 14.70 22.51
CA HIS C 103 -2.98 14.21 22.30
C HIS C 103 -3.01 13.46 20.97
N PRO C 104 -3.75 12.36 20.92
CA PRO C 104 -3.75 11.53 19.68
C PRO C 104 -4.25 12.17 18.40
N CYS C 105 -4.94 13.29 18.47
CA CYS C 105 -5.28 14.01 17.23
C CYS C 105 -4.02 14.51 16.48
N PHE C 106 -2.89 14.63 17.18
CA PHE C 106 -1.60 14.92 16.54
C PHE C 106 -0.83 13.68 15.93
N ASP C 107 -1.38 12.46 16.06
CA ASP C 107 -0.76 11.24 15.41
C ASP C 107 -0.64 11.41 13.90
N GLU C 108 -1.57 12.19 13.32
CA GLU C 108 -1.63 12.52 11.85
C GLU C 108 -0.81 13.77 11.43
N ILE C 109 -0.11 14.42 12.35
CA ILE C 109 0.71 15.56 12.03
C ILE C 109 2.21 15.19 12.08
N ASP C 110 2.92 15.35 10.97
CA ASP C 110 4.36 15.07 10.92
C ASP C 110 5.28 16.17 11.48
N HIS C 111 4.99 17.43 11.19
CA HIS C 111 5.95 18.50 11.56
C HIS C 111 5.27 19.79 11.96
N VAL C 112 5.97 20.57 12.79
CA VAL C 112 5.67 22.03 12.93
C VAL C 112 6.68 22.86 12.14
N ILE C 113 6.20 23.76 11.29
CA ILE C 113 7.06 24.67 10.54
C ILE C 113 6.95 26.07 11.19
N GLN C 114 8.09 26.64 11.59
CA GLN C 114 8.13 27.94 12.21
C GLN C 114 8.69 28.90 11.20
N ARG C 115 7.87 29.83 10.73
CA ARG C 115 8.27 30.76 9.71
C ARG C 115 8.93 31.99 10.37
N ASP C 116 9.83 32.64 9.65
CA ASP C 116 10.54 33.85 10.15
C ASP C 116 9.64 35.03 10.45
N ASP C 117 8.43 35.06 9.88
CA ASP C 117 7.49 36.12 10.19
C ASP C 117 6.55 35.83 11.34
N GLY C 118 6.76 34.72 12.03
CA GLY C 118 5.93 34.37 13.19
C GLY C 118 4.80 33.36 12.92
N ARG C 119 4.50 33.10 11.66
CA ARG C 119 3.46 32.10 11.33
C ARG C 119 3.91 30.71 11.73
N ILE C 120 2.98 29.92 12.22
CA ILE C 120 3.16 28.49 12.50
C ILE C 120 2.23 27.64 11.62
N GLU C 121 2.85 26.73 10.87
CA GLU C 121 2.12 25.80 10.03
C GLU C 121 2.35 24.39 10.47
N LEU C 122 1.27 23.67 10.63
CA LEU C 122 1.39 22.21 10.82
C LEU C 122 1.45 21.46 9.46
N LEU C 123 2.30 20.44 9.39
CA LEU C 123 2.44 19.66 8.14
C LEU C 123 2.10 18.14 8.33
N SER C 124 1.24 17.64 7.43
CA SER C 124 0.95 16.20 7.26
C SER C 124 1.33 15.80 5.84
N LEU C 125 2.41 15.04 5.75
CA LEU C 125 3.04 14.77 4.47
C LEU C 125 2.73 13.39 3.91
N LYS C 126 2.49 13.31 2.59
CA LYS C 126 2.30 12.06 1.82
C LYS C 126 3.17 12.10 0.58
N ALA C 127 3.57 10.92 0.10
CA ALA C 127 4.39 10.81 -1.13
C ALA C 127 3.65 11.29 -2.37
N GLY C 128 2.47 10.79 -2.60
CA GLY C 128 1.82 10.93 -3.91
C GLY C 128 0.33 10.75 -3.91
N LYS C 129 -0.23 10.76 -5.12
CA LYS C 129 -1.65 10.81 -5.31
C LYS C 129 -2.36 9.56 -4.82
N TRP C 130 -1.68 8.42 -4.81
CA TRP C 130 -2.26 7.11 -4.39
C TRP C 130 -2.12 6.74 -2.91
N THR C 131 -1.37 7.53 -2.15
CA THR C 131 -0.84 7.09 -0.81
C THR C 131 -1.98 6.79 0.20
N ILE C 132 -3.05 7.60 0.12
CA ILE C 132 -4.21 7.49 0.95
C ILE C 132 -5.37 6.93 0.19
N GLN C 133 -6.21 6.23 0.93
CA GLN C 133 -7.50 5.79 0.42
C GLN C 133 -8.57 6.36 1.31
N LEU C 134 -9.83 5.93 1.10
CA LEU C 134 -10.97 6.56 1.79
C LEU C 134 -10.88 6.49 3.30
N THR C 135 -10.61 5.31 3.85
CA THR C 135 -10.52 5.13 5.31
C THR C 135 -9.52 6.17 5.86
N MET C 136 -8.37 6.28 5.20
CA MET C 136 -7.32 7.18 5.72
C MET C 136 -7.76 8.64 5.62
N ALA C 137 -8.39 9.00 4.51
CA ALA C 137 -8.87 10.39 4.32
C ALA C 137 -9.89 10.87 5.37
N VAL C 138 -10.81 10.00 5.72
CA VAL C 138 -11.87 10.30 6.74
C VAL C 138 -11.21 10.50 8.12
N GLN C 139 -10.30 9.61 8.42
CA GLN C 139 -9.51 9.69 9.69
C GLN C 139 -8.67 10.94 9.74
N LEU C 140 -8.01 11.34 8.62
CA LEU C 140 -7.35 12.64 8.57
C LEU C 140 -8.28 13.83 8.84
N ASN C 141 -9.45 13.84 8.20
CA ASN C 141 -10.49 14.85 8.50
C ASN C 141 -10.86 14.96 10.00
N LYS C 142 -11.04 13.82 10.65
CA LYS C 142 -11.40 13.74 12.07
C LYS C 142 -10.32 14.36 12.92
N ALA C 143 -9.07 14.01 12.61
CA ALA C 143 -7.93 14.52 13.37
C ALA C 143 -7.75 16.00 13.23
N PHE C 144 -7.78 16.48 11.98
CA PHE C 144 -7.62 17.90 11.67
C PHE C 144 -8.76 18.75 12.31
N HIS C 145 -10.00 18.30 12.20
CA HIS C 145 -11.16 19.02 12.76
C HIS C 145 -11.02 19.18 14.30
N GLU C 146 -10.52 18.15 14.97
CA GLU C 146 -10.27 18.19 16.44
C GLU C 146 -9.20 19.23 16.84
N ILE C 147 -8.13 19.28 16.08
CA ILE C 147 -7.07 20.27 16.24
C ILE C 147 -7.64 21.65 16.07
N ILE C 148 -8.34 21.84 14.96
CA ILE C 148 -8.89 23.14 14.64
C ILE C 148 -9.86 23.65 15.72
N ASN C 149 -10.71 22.77 16.23
CA ASN C 149 -11.75 23.20 17.15
C ASN C 149 -11.30 23.18 18.59
N ASN C 150 -10.44 22.23 18.93
CA ASN C 150 -9.98 22.09 20.32
C ASN C 150 -8.61 22.70 20.67
N TYR C 151 -7.74 22.87 19.67
CA TYR C 151 -6.40 23.49 19.87
C TYR C 151 -6.12 24.59 18.84
N PRO C 152 -7.03 25.58 18.77
CA PRO C 152 -6.89 26.64 17.77
C PRO C 152 -5.61 27.44 17.90
N GLY C 153 -5.09 27.51 19.10
CA GLY C 153 -3.85 28.26 19.35
C GLY C 153 -2.55 27.63 18.90
N VAL C 154 -2.54 26.36 18.51
CA VAL C 154 -1.26 25.68 18.25
C VAL C 154 -0.59 26.12 16.97
N ALA C 155 -1.34 26.68 16.04
CA ALA C 155 -0.80 26.98 14.73
C ALA C 155 -1.77 27.86 14.03
N ASP C 156 -1.32 28.46 12.94
CA ASP C 156 -2.22 29.29 12.10
C ASP C 156 -3.02 28.48 11.05
N ASN C 157 -2.45 27.37 10.58
CA ASN C 157 -3.09 26.51 9.57
C ASN C 157 -2.43 25.17 9.48
N ILE C 158 -3.08 24.26 8.72
CA ILE C 158 -2.67 22.89 8.47
C ILE C 158 -2.46 22.75 6.95
N VAL C 159 -1.31 22.22 6.55
CA VAL C 159 -1.03 21.86 5.19
C VAL C 159 -0.89 20.37 5.05
N VAL C 160 -1.52 19.83 4.00
CA VAL C 160 -1.20 18.48 3.60
C VAL C 160 -0.22 18.60 2.42
N GLY C 161 0.97 18.04 2.55
CA GLY C 161 1.97 18.09 1.48
C GLY C 161 1.98 16.79 0.72
N VAL C 162 2.14 16.88 -0.60
CA VAL C 162 2.28 15.69 -1.47
C VAL C 162 3.59 15.89 -2.25
N PHE C 163 4.62 15.09 -1.97
CA PHE C 163 5.98 15.44 -2.41
C PHE C 163 6.33 15.18 -3.88
N TYR C 164 5.58 14.30 -4.56
CA TYR C 164 5.64 14.22 -6.03
C TYR C 164 4.24 14.18 -6.69
N GLY C 165 4.24 14.56 -7.98
CA GLY C 165 3.03 14.69 -8.77
C GLY C 165 2.54 16.12 -8.75
N ASN C 166 1.29 16.31 -9.14
CA ASN C 166 0.71 17.64 -9.17
C ASN C 166 -0.70 17.69 -8.67
N SER C 167 -1.17 18.90 -8.48
CA SER C 167 -2.48 19.15 -7.94
C SER C 167 -3.61 18.49 -8.73
N HIS C 168 -3.53 18.62 -10.05
CA HIS C 168 -4.54 18.12 -10.98
C HIS C 168 -4.57 16.60 -11.00
N GLY C 169 -3.43 15.92 -10.82
CA GLY C 169 -3.41 14.46 -10.72
C GLY C 169 -3.86 13.84 -9.40
N LEU C 170 -4.05 14.64 -8.35
CA LEU C 170 -4.53 14.09 -7.08
C LEU C 170 -5.93 13.49 -7.17
N THR C 171 -6.16 12.47 -6.36
CA THR C 171 -7.47 11.81 -6.31
C THR C 171 -8.44 12.59 -5.43
N ASP C 172 -9.71 12.18 -5.46
CA ASP C 172 -10.74 12.78 -4.58
C ASP C 172 -10.46 12.66 -3.05
N LYS C 173 -9.55 11.78 -2.62
CA LYS C 173 -9.24 11.56 -1.20
C LYS C 173 -8.67 12.84 -0.58
N TYR C 174 -7.99 13.63 -1.41
CA TYR C 174 -7.44 14.93 -0.98
C TYR C 174 -8.51 16.00 -0.83
N ARG C 175 -9.71 15.72 -1.36
CA ARG C 175 -10.90 16.61 -1.15
C ARG C 175 -11.59 16.13 0.10
N ILE C 176 -11.74 14.82 0.22
CA ILE C 176 -12.46 14.22 1.34
C ILE C 176 -11.81 14.68 2.63
N LEU C 177 -10.46 14.76 2.65
CA LEU C 177 -9.81 15.04 3.92
C LEU C 177 -10.07 16.49 4.36
N ARG C 178 -10.34 17.34 3.37
CA ARG C 178 -10.79 18.74 3.65
C ARG C 178 -12.28 18.89 4.01
N GLY C 179 -13.04 17.80 4.07
CA GLY C 179 -14.47 17.85 4.29
C GLY C 179 -15.33 18.01 3.05
N ILE C 180 -14.73 17.97 1.86
CA ILE C 180 -15.47 18.03 0.62
C ILE C 180 -15.86 16.61 0.22
N ASN C 181 -17.17 16.35 0.17
CA ASN C 181 -17.76 14.97 0.05
C ASN C 181 -18.98 15.03 -0.90
N THR C 182 -18.71 14.97 -2.20
CA THR C 182 -19.68 15.07 -3.28
C THR C 182 -20.40 13.78 -3.67
N GLY C 183 -19.86 12.59 -3.31
CA GLY C 183 -20.51 11.33 -3.64
C GLY C 183 -21.27 10.76 -2.47
N ALA C 184 -21.04 9.50 -2.14
CA ALA C 184 -21.76 8.89 -1.02
C ALA C 184 -21.31 9.50 0.28
N ASN C 185 -22.24 9.59 1.21
CA ASN C 185 -22.00 10.23 2.52
C ASN C 185 -20.98 9.49 3.37
N HIS C 186 -20.00 10.24 3.87
CA HIS C 186 -19.04 9.70 4.80
C HIS C 186 -18.93 10.52 6.08
N ASN C 187 -19.65 11.62 6.22
CA ASN C 187 -19.60 12.27 7.54
C ASN C 187 -18.21 12.80 7.89
N VAL C 188 -17.69 13.59 6.98
CA VAL C 188 -16.52 14.37 7.19
C VAL C 188 -17.07 15.76 7.35
N ILE C 189 -16.28 16.67 7.89
CA ILE C 189 -16.74 18.02 8.18
C ILE C 189 -15.87 19.00 7.42
N ASP C 190 -16.53 20.00 6.85
CA ASP C 190 -15.89 21.01 6.01
C ASP C 190 -14.91 21.81 6.86
N ILE C 191 -13.63 21.76 6.47
CA ILE C 191 -12.55 22.50 7.18
C ILE C 191 -11.60 23.14 6.14
N ARG C 192 -12.14 23.42 4.95
CA ARG C 192 -11.28 23.75 3.80
C ARG C 192 -10.53 25.07 3.96
N ASP C 193 -11.07 25.97 4.77
CA ASP C 193 -10.43 27.23 5.08
C ASP C 193 -9.17 27.09 5.93
N LYS C 194 -9.02 25.98 6.66
CA LYS C 194 -7.88 25.78 7.54
C LYS C 194 -6.95 24.69 7.10
N VAL C 195 -7.36 23.92 6.09
CA VAL C 195 -6.52 22.84 5.57
C VAL C 195 -6.30 23.02 4.07
N HIS C 196 -5.06 23.13 3.66
CA HIS C 196 -4.67 23.27 2.25
C HIS C 196 -3.69 22.22 1.75
N VAL C 197 -3.82 21.84 0.49
CA VAL C 197 -3.00 20.77 -0.10
C VAL C 197 -2.07 21.38 -1.15
N TYR C 198 -0.78 21.09 -1.05
CA TYR C 198 0.21 21.47 -2.03
C TYR C 198 0.97 20.26 -2.50
N ALA C 199 1.16 20.21 -3.80
CA ALA C 199 1.73 19.04 -4.47
C ALA C 199 2.96 19.35 -5.37
N GLY C 200 3.90 18.43 -5.41
CA GLY C 200 5.00 18.47 -6.36
C GLY C 200 5.91 19.69 -6.19
N LYS C 201 6.20 20.36 -7.30
CA LYS C 201 6.99 21.60 -7.29
C LYS C 201 6.49 22.61 -6.27
N GLU C 202 5.17 22.73 -6.22
CA GLU C 202 4.48 23.66 -5.35
C GLU C 202 4.61 23.30 -3.85
N PHE C 203 4.64 22.01 -3.55
CA PHE C 203 4.98 21.60 -2.17
C PHE C 203 6.39 22.01 -1.76
N TRP C 204 7.37 21.71 -2.62
CA TRP C 204 8.78 21.99 -2.29
C TRP C 204 9.03 23.50 -2.18
N SER C 205 8.33 24.23 -3.04
CA SER C 205 8.35 25.67 -2.97
C SER C 205 7.76 26.23 -1.69
N TRP C 206 6.55 25.79 -1.39
CA TRP C 206 5.88 26.18 -0.13
C TRP C 206 6.78 25.88 1.07
N LEU C 207 7.36 24.67 1.10
CA LEU C 207 8.27 24.28 2.22
C LEU C 207 9.43 25.29 2.40
N ASN C 208 10.05 25.66 1.30
CA ASN C 208 11.31 26.42 1.29
C ASN C 208 11.05 27.89 0.86
N ASN C 209 10.02 28.50 1.45
CA ASN C 209 9.80 29.98 1.38
C ASN C 209 9.76 30.55 -0.02
N GLY C 210 9.13 29.77 -0.91
CA GLY C 210 8.87 30.19 -2.27
C GLY C 210 9.98 29.93 -3.27
N GLU C 211 11.04 29.20 -2.90
CA GLU C 211 12.11 28.90 -3.86
C GLU C 211 11.61 27.79 -4.83
N ALA C 212 11.22 28.22 -6.02
CA ALA C 212 10.75 27.34 -7.11
C ALA C 212 11.64 26.17 -7.51
N GLU C 213 12.96 26.35 -7.41
CA GLU C 213 13.91 25.32 -7.86
C GLU C 213 14.22 24.25 -6.80
N THR C 214 13.57 24.34 -5.65
CA THR C 214 13.94 23.47 -4.51
C THR C 214 13.95 21.95 -4.85
N GLN C 215 12.92 21.53 -5.57
CA GLN C 215 12.79 20.12 -6.01
C GLN C 215 14.01 19.63 -6.82
N HIS C 216 14.58 20.48 -7.68
CA HIS C 216 15.79 20.11 -8.43
C HIS C 216 16.99 19.94 -7.53
N TRP C 217 17.07 20.83 -6.55
CA TRP C 217 18.16 20.76 -5.52
C TRP C 217 18.10 19.47 -4.71
N VAL C 218 16.88 19.08 -4.31
CA VAL C 218 16.63 17.75 -3.72
C VAL C 218 17.08 16.59 -4.62
N LEU C 219 16.63 16.59 -5.87
CA LEU C 219 17.03 15.51 -6.79
C LEU C 219 18.57 15.47 -6.97
N GLU C 220 19.20 16.64 -7.08
CA GLU C 220 20.66 16.72 -7.20
C GLU C 220 21.40 16.12 -6.02
N GLY C 221 20.95 16.40 -4.79
CA GLY C 221 21.53 15.79 -3.61
C GLY C 221 21.49 14.27 -3.67
N ILE C 222 20.35 13.73 -4.09
CA ILE C 222 20.18 12.28 -4.21
C ILE C 222 21.09 11.68 -5.26
N GLU C 223 21.12 12.34 -6.41
CA GLU C 223 22.07 11.97 -7.51
C GLU C 223 23.51 11.87 -7.03
N ARG C 224 23.97 12.90 -6.34
CA ARG C 224 25.37 12.87 -5.90
C ARG C 224 25.63 11.72 -4.95
N ALA C 225 24.69 11.49 -4.03
CA ALA C 225 24.86 10.39 -3.02
C ALA C 225 24.92 9.01 -3.72
N VAL C 226 24.03 8.82 -4.70
CA VAL C 226 24.03 7.55 -5.48
C VAL C 226 25.37 7.32 -6.16
N LYS C 227 25.85 8.36 -6.85
CA LYS C 227 27.14 8.32 -7.60
C LYS C 227 28.30 8.01 -6.69
N GLU C 228 28.41 8.71 -5.57
CA GLU C 228 29.46 8.40 -4.65
C GLU C 228 29.34 7.00 -4.07
N ALA C 229 28.12 6.50 -3.85
CA ALA C 229 27.95 5.16 -3.25
C ALA C 229 28.47 3.98 -4.09
N ASP C 230 28.37 4.12 -5.42
CA ASP C 230 28.97 3.18 -6.36
C ASP C 230 28.51 1.74 -6.08
N ILE C 231 27.22 1.49 -6.22
CA ILE C 231 26.61 0.17 -5.84
C ILE C 231 26.16 -0.67 -7.03
N LYS C 232 26.39 -0.21 -8.26
CA LYS C 232 25.73 -0.79 -9.46
C LYS C 232 26.29 -2.19 -9.81
N GLU C 233 27.59 -2.40 -9.53
CA GLU C 233 28.21 -3.75 -9.64
C GLU C 233 28.04 -4.68 -8.46
N LYS C 234 28.31 -4.21 -7.27
CA LYS C 234 28.33 -5.07 -6.11
C LYS C 234 26.96 -5.60 -5.72
N ASN C 235 25.95 -4.78 -5.94
CA ASN C 235 24.57 -5.20 -5.67
C ASN C 235 24.11 -6.43 -6.48
N LYS C 236 24.66 -6.68 -7.67
CA LYS C 236 24.16 -7.84 -8.47
C LYS C 236 24.28 -9.12 -7.65
N ASP C 237 25.42 -9.30 -7.00
CA ASP C 237 25.70 -10.51 -6.24
C ASP C 237 24.96 -10.48 -4.90
N LEU C 238 24.93 -9.32 -4.25
CA LEU C 238 24.18 -9.19 -3.00
C LEU C 238 22.71 -9.51 -3.25
N ILE C 239 22.16 -9.10 -4.38
CA ILE C 239 20.73 -9.41 -4.66
C ILE C 239 20.56 -10.93 -4.89
N GLU C 240 21.55 -11.53 -5.55
CA GLU C 240 21.44 -12.94 -5.88
C GLU C 240 21.49 -13.80 -4.63
N LYS C 241 22.30 -13.39 -3.68
CA LYS C 241 22.41 -14.06 -2.41
C LYS C 241 21.17 -13.88 -1.51
N PHE C 242 20.55 -12.71 -1.59
CA PHE C 242 19.28 -12.49 -0.92
C PHE C 242 18.31 -13.51 -1.51
N LYS C 243 18.23 -13.60 -2.84
CA LYS C 243 17.38 -14.58 -3.49
C LYS C 243 17.63 -16.04 -3.07
N GLU C 244 18.90 -16.44 -2.96
CA GLU C 244 19.26 -17.80 -2.54
C GLU C 244 18.85 -18.05 -1.07
N HIS C 245 19.05 -17.06 -0.22
CA HIS C 245 18.64 -17.16 1.17
C HIS C 245 17.13 -17.44 1.29
N VAL C 246 16.30 -16.76 0.49
CA VAL C 246 14.83 -16.90 0.53
C VAL C 246 14.38 -18.25 0.00
N ALA C 247 14.95 -18.68 -1.13
CA ALA C 247 14.49 -19.92 -1.74
C ALA C 247 14.77 -21.10 -0.86
N LYS C 248 15.90 -21.07 -0.17
CA LYS C 248 16.26 -22.12 0.78
C LYS C 248 15.21 -22.32 1.87
N LYS C 249 14.45 -21.27 2.19
CA LYS C 249 13.33 -21.42 3.11
C LYS C 249 12.22 -22.37 2.63
N TYR C 250 12.10 -22.54 1.32
CA TYR C 250 10.99 -23.28 0.70
C TYR C 250 11.40 -24.48 -0.19
N ASN C 251 12.57 -24.39 -0.84
CA ASN C 251 12.92 -25.27 -1.98
C ASN C 251 13.32 -26.72 -1.59
N GLU C 252 13.31 -27.03 -0.29
CA GLU C 252 13.42 -28.43 0.15
C GLU C 252 12.19 -28.81 0.86
N GLN C 253 11.06 -28.21 0.46
CA GLN C 253 9.74 -28.69 0.90
C GLN C 253 8.53 -28.40 0.03
N VAL C 254 8.59 -27.45 -0.89
CA VAL C 254 7.49 -27.25 -1.81
C VAL C 254 7.75 -27.86 -3.20
N LEU C 255 8.95 -28.39 -3.47
CA LEU C 255 9.28 -28.83 -4.84
C LEU C 255 9.07 -30.33 -5.05
N ASN C 256 8.56 -30.68 -6.23
CA ASN C 256 8.46 -32.07 -6.67
C ASN C 256 9.78 -32.45 -7.30
N ALA C 257 9.94 -33.75 -7.55
CA ALA C 257 11.09 -34.29 -8.27
C ALA C 257 11.33 -33.60 -9.63
N ASP C 258 10.27 -33.24 -10.38
CA ASP C 258 10.46 -32.62 -11.68
C ASP C 258 10.74 -31.12 -11.62
N GLY C 259 10.94 -30.57 -10.42
CA GLY C 259 11.17 -29.13 -10.23
C GLY C 259 9.92 -28.24 -10.14
N THR C 260 8.73 -28.80 -10.35
CA THR C 260 7.49 -28.01 -10.22
C THR C 260 7.12 -27.83 -8.73
N ALA C 261 6.41 -26.75 -8.42
CA ALA C 261 6.00 -26.43 -7.06
C ALA C 261 4.70 -27.08 -6.69
N GLN C 262 4.67 -27.54 -5.44
CA GLN C 262 3.47 -28.05 -4.78
C GLN C 262 2.86 -26.82 -4.06
N TRP C 263 2.08 -26.08 -4.81
CA TRP C 263 1.39 -24.87 -4.32
C TRP C 263 0.55 -25.12 -3.05
N HIS C 264 0.05 -26.35 -2.88
CA HIS C 264 -0.71 -26.67 -1.68
C HIS C 264 0.19 -26.80 -0.46
N LYS C 265 1.46 -27.19 -0.68
CA LYS C 265 2.39 -27.23 0.41
C LYS C 265 2.82 -25.82 0.83
N LEU C 266 3.05 -24.96 -0.15
CA LEU C 266 3.33 -23.56 0.17
C LEU C 266 2.15 -22.91 0.95
N LEU C 267 0.92 -23.22 0.52
CA LEU C 267 -0.30 -22.78 1.20
C LEU C 267 -0.31 -23.20 2.67
N GLU C 268 0.01 -24.48 2.87
CA GLU C 268 -0.01 -25.04 4.18
C GLU C 268 0.92 -24.30 5.10
N MET C 269 2.18 -24.09 4.65
CA MET C 269 3.19 -23.40 5.44
C MET C 269 2.78 -21.97 5.79
N ILE C 270 2.23 -21.23 4.84
CA ILE C 270 1.85 -19.83 5.10
C ILE C 270 0.61 -19.67 5.96
N ASN C 271 -0.42 -20.47 5.72
CA ASN C 271 -1.77 -20.24 6.31
C ASN C 271 -2.10 -20.88 7.68
N GLU C 272 -1.09 -21.45 8.33
CA GLU C 272 -1.22 -21.92 9.72
C GLU C 272 0.10 -21.86 10.46
N MET D 1 -20.67 -25.17 2.01
CA MET D 1 -20.39 -25.48 0.58
C MET D 1 -19.42 -26.65 0.53
N ASN D 2 -19.66 -27.57 -0.42
CA ASN D 2 -18.84 -28.77 -0.56
C ASN D 2 -17.67 -28.58 -1.52
N LYS D 3 -16.80 -29.57 -1.52
CA LYS D 3 -15.57 -29.51 -2.27
C LYS D 3 -15.77 -29.10 -3.71
N GLN D 4 -16.73 -29.71 -4.41
CA GLN D 4 -16.81 -29.51 -5.89
C GLN D 4 -17.42 -28.14 -6.21
N GLU D 5 -18.39 -27.73 -5.40
CA GLU D 5 -19.02 -26.42 -5.51
C GLU D 5 -18.01 -25.28 -5.39
N VAL D 6 -17.13 -25.40 -4.40
CA VAL D 6 -16.17 -24.37 -4.10
C VAL D 6 -15.12 -24.32 -5.23
N ILE D 7 -14.58 -25.50 -5.59
CA ILE D 7 -13.56 -25.59 -6.63
C ILE D 7 -14.06 -25.01 -7.92
N LEU D 8 -15.19 -25.52 -8.36
CA LEU D 8 -15.73 -25.10 -9.66
C LEU D 8 -16.17 -23.62 -9.67
N LYS D 9 -16.87 -23.16 -8.64
CA LYS D 9 -17.29 -21.76 -8.65
C LYS D 9 -16.13 -20.75 -8.43
N VAL D 10 -15.11 -21.13 -7.67
CA VAL D 10 -13.91 -20.30 -7.57
C VAL D 10 -13.27 -20.27 -8.98
N GLN D 11 -13.18 -21.44 -9.63
CA GLN D 11 -12.61 -21.48 -10.97
C GLN D 11 -13.31 -20.46 -11.92
N GLU D 12 -14.63 -20.39 -11.87
CA GLU D 12 -15.33 -19.43 -12.74
C GLU D 12 -14.94 -17.97 -12.43
N CYS D 13 -14.83 -17.64 -11.14
CA CYS D 13 -14.46 -16.28 -10.74
C CYS D 13 -13.04 -15.91 -11.21
N ALA D 14 -12.12 -16.84 -11.00
CA ALA D 14 -10.74 -16.62 -11.28
C ALA D 14 -10.54 -16.53 -12.81
N ALA D 15 -11.34 -17.26 -13.60
CA ALA D 15 -11.23 -17.21 -15.04
C ALA D 15 -11.62 -15.83 -15.52
N TRP D 16 -12.72 -15.30 -14.97
CA TRP D 16 -13.14 -13.91 -15.24
C TRP D 16 -11.98 -12.92 -14.93
N TRP D 17 -11.40 -13.11 -13.77
CA TRP D 17 -10.37 -12.21 -13.28
C TRP D 17 -9.13 -12.22 -14.18
N ILE D 18 -8.71 -13.41 -14.57
CA ILE D 18 -7.60 -13.57 -15.55
C ILE D 18 -7.81 -12.72 -16.79
N LEU D 19 -9.00 -12.77 -17.35
CA LEU D 19 -9.33 -11.94 -18.51
C LEU D 19 -9.24 -10.43 -18.20
N GLU D 20 -9.64 -10.01 -16.99
CA GLU D 20 -9.44 -8.63 -16.57
C GLU D 20 -7.98 -8.20 -16.56
N ARG D 21 -7.12 -8.98 -15.92
CA ARG D 21 -5.68 -8.68 -15.89
C ARG D 21 -5.01 -8.77 -17.28
N GLN D 22 -5.55 -9.61 -18.16
CA GLN D 22 -5.10 -9.64 -19.57
C GLN D 22 -5.47 -8.34 -20.29
N SER D 23 -6.67 -7.85 -20.05
CA SER D 23 -7.16 -6.66 -20.76
C SER D 23 -6.41 -5.38 -20.31
N LYS D 24 -5.80 -5.43 -19.13
CA LYS D 24 -4.83 -4.38 -18.67
C LYS D 24 -3.72 -4.23 -19.70
N LEU D 25 -3.22 -5.36 -20.18
CA LEU D 25 -2.15 -5.36 -21.19
C LEU D 25 -2.56 -5.08 -22.61
N THR D 26 -3.70 -5.63 -23.02
CA THR D 26 -4.16 -5.56 -24.40
C THR D 26 -4.76 -4.22 -24.68
N LYS D 27 -5.34 -3.58 -23.65
CA LYS D 27 -5.85 -2.23 -23.79
C LYS D 27 -4.84 -1.11 -23.44
N LEU D 28 -3.62 -1.51 -23.09
CA LEU D 28 -2.55 -0.58 -22.78
C LEU D 28 -3.02 0.45 -21.74
N MET D 29 -3.53 -0.08 -20.63
CA MET D 29 -4.07 0.79 -19.59
C MET D 29 -2.95 1.15 -18.60
N SER D 30 -2.32 2.29 -18.81
CA SER D 30 -1.20 2.71 -17.97
C SER D 30 -1.38 4.04 -17.26
N GLU D 31 -2.51 4.70 -17.42
CA GLU D 31 -2.68 6.02 -16.77
C GLU D 31 -2.69 5.96 -15.22
N THR D 32 -2.87 4.81 -14.62
CA THR D 32 -2.87 4.72 -13.15
C THR D 32 -1.48 4.49 -12.57
N MET D 33 -0.45 4.40 -13.43
CA MET D 33 0.91 4.04 -12.98
C MET D 33 1.74 5.25 -12.55
N SER D 34 1.96 5.39 -11.26
CA SER D 34 2.73 6.51 -10.80
C SER D 34 4.25 6.25 -10.89
N ILE D 35 4.99 7.33 -10.98
CA ILE D 35 6.46 7.33 -10.91
C ILE D 35 6.92 8.45 -9.94
N ASN D 36 7.77 8.03 -9.00
CA ASN D 36 8.41 8.90 -8.03
C ASN D 36 9.74 9.34 -8.65
N PRO D 37 9.82 10.60 -9.12
CA PRO D 37 10.91 11.09 -9.90
C PRO D 37 12.20 11.35 -9.08
N PHE D 38 12.11 11.30 -7.75
CA PHE D 38 13.29 11.43 -6.87
C PHE D 38 13.99 10.10 -6.67
N MET D 39 13.26 8.98 -6.86
CA MET D 39 13.80 7.67 -6.60
C MET D 39 14.49 7.07 -7.81
N THR D 40 14.23 7.64 -8.97
CA THR D 40 14.71 7.04 -10.22
C THR D 40 16.21 6.80 -10.29
N PRO D 41 17.07 7.75 -9.89
CA PRO D 41 18.51 7.45 -9.91
C PRO D 41 18.96 6.34 -8.97
N PHE D 42 18.31 6.25 -7.81
CA PHE D 42 18.56 5.17 -6.84
C PHE D 42 18.19 3.79 -7.40
N ILE D 43 16.98 3.66 -7.91
CA ILE D 43 16.49 2.41 -8.49
C ILE D 43 17.43 1.93 -9.62
N PHE D 44 17.78 2.87 -10.50
CA PHE D 44 18.69 2.65 -11.65
C PHE D 44 19.99 1.96 -11.25
N ASP D 45 20.64 2.41 -10.16
CA ASP D 45 21.91 1.81 -9.71
C ASP D 45 21.77 0.63 -8.79
N TYR D 46 20.90 0.72 -7.78
CA TYR D 46 20.61 -0.41 -6.92
C TYR D 46 20.25 -1.70 -7.68
N HIS D 47 19.45 -1.60 -8.74
CA HIS D 47 19.01 -2.76 -9.49
C HIS D 47 19.77 -2.89 -10.83
N SER D 48 20.85 -2.13 -10.95
CA SER D 48 21.82 -2.27 -12.06
C SER D 48 21.17 -2.25 -13.44
N LEU D 49 20.38 -1.22 -13.70
CA LEU D 49 19.66 -1.04 -14.98
C LEU D 49 20.52 -0.22 -15.94
N ASN D 50 20.39 -0.42 -17.26
CA ASN D 50 21.34 0.17 -18.22
C ASN D 50 20.83 1.35 -19.01
N ASP D 51 19.51 1.48 -19.14
CA ASP D 51 18.94 2.60 -19.85
C ASP D 51 17.50 2.84 -19.42
N PHE D 52 16.84 3.81 -20.08
CA PHE D 52 15.49 4.22 -19.69
C PHE D 52 14.47 3.07 -19.85
N ASP D 53 14.62 2.33 -20.95
CA ASP D 53 13.72 1.21 -21.21
C ASP D 53 13.77 0.16 -20.09
N GLU D 54 14.96 -0.10 -19.53
CA GLU D 54 15.09 -1.04 -18.41
C GLU D 54 14.48 -0.48 -17.12
N LEU D 55 14.54 0.84 -16.97
CA LEU D 55 13.88 1.49 -15.83
C LEU D 55 12.35 1.35 -15.98
N VAL D 56 11.80 1.67 -17.14
CA VAL D 56 10.39 1.51 -17.40
C VAL D 56 9.92 0.02 -17.22
N GLU D 57 10.69 -0.95 -17.73
CA GLU D 57 10.36 -2.35 -17.52
C GLU D 57 10.25 -2.71 -16.03
N ALA D 58 11.13 -2.14 -15.21
CA ALA D 58 11.18 -2.43 -13.76
C ALA D 58 9.97 -1.85 -13.03
N ILE D 59 9.65 -0.60 -13.38
CA ILE D 59 8.53 0.11 -12.79
C ILE D 59 7.18 -0.57 -13.20
N ILE D 60 7.03 -0.92 -14.47
CA ILE D 60 5.84 -1.65 -14.96
C ILE D 60 5.70 -2.96 -14.23
N ALA D 61 6.81 -3.68 -14.03
CA ALA D 61 6.68 -4.99 -13.37
C ALA D 61 6.14 -4.82 -11.95
N LYS D 62 6.64 -3.82 -11.25
CA LYS D 62 6.13 -3.45 -9.94
C LYS D 62 4.65 -2.98 -9.95
N HIS D 63 4.27 -2.14 -10.89
CA HIS D 63 2.91 -1.64 -11.00
C HIS D 63 1.95 -2.82 -11.30
N LEU D 64 2.38 -3.77 -12.11
CA LEU D 64 1.58 -4.95 -12.44
C LEU D 64 1.32 -5.80 -11.22
N MET D 65 2.37 -6.01 -10.44
CA MET D 65 2.29 -6.74 -9.18
C MET D 65 1.37 -6.05 -8.16
N THR D 66 1.52 -4.73 -7.96
CA THR D 66 0.52 -3.95 -7.19
C THR D 66 -0.92 -4.09 -7.68
N GLY D 67 -1.09 -3.96 -8.98
CA GLY D 67 -2.38 -4.19 -9.59
C GLY D 67 -2.98 -5.61 -9.39
N HIS D 68 -2.13 -6.64 -9.45
CA HIS D 68 -2.50 -8.02 -9.09
C HIS D 68 -3.01 -8.14 -7.64
N ASP D 69 -2.24 -7.64 -6.64
CA ASP D 69 -2.67 -7.69 -5.24
C ASP D 69 -4.02 -6.98 -5.08
N THR D 70 -4.12 -5.82 -5.70
CA THR D 70 -5.30 -4.97 -5.55
C THR D 70 -6.50 -5.72 -6.12
N GLY D 71 -6.36 -6.14 -7.38
CA GLY D 71 -7.38 -6.90 -8.10
C GLY D 71 -7.83 -8.17 -7.38
N PHE D 72 -6.86 -8.90 -6.81
CA PHE D 72 -7.15 -10.21 -6.22
C PHE D 72 -7.99 -10.02 -4.92
N GLY D 73 -7.66 -8.97 -4.19
CA GLY D 73 -8.40 -8.62 -2.97
C GLY D 73 -9.82 -8.29 -3.29
N LYS D 74 -10.01 -7.50 -4.34
CA LYS D 74 -11.37 -7.16 -4.83
C LYS D 74 -12.11 -8.41 -5.33
N LEU D 75 -11.38 -9.35 -5.95
CA LEU D 75 -11.94 -10.64 -6.44
C LEU D 75 -12.49 -11.50 -5.27
N ILE D 76 -11.69 -11.67 -4.23
CA ILE D 76 -12.14 -12.41 -3.08
C ILE D 76 -13.42 -11.79 -2.50
N ASP D 77 -13.40 -10.48 -2.32
CA ASP D 77 -14.46 -9.73 -1.66
C ASP D 77 -15.76 -9.66 -2.51
N GLU D 78 -15.65 -9.17 -3.74
CA GLU D 78 -16.76 -8.80 -4.59
C GLU D 78 -17.38 -9.99 -5.39
N LYS D 79 -16.58 -11.04 -5.69
CA LYS D 79 -17.05 -12.12 -6.55
C LYS D 79 -17.08 -13.45 -5.82
N ILE D 80 -15.95 -13.84 -5.22
CA ILE D 80 -15.83 -15.18 -4.62
C ILE D 80 -16.71 -15.35 -3.39
N LEU D 81 -16.62 -14.43 -2.43
CA LEU D 81 -17.45 -14.59 -1.26
C LEU D 81 -18.94 -14.67 -1.59
N PRO D 82 -19.47 -13.71 -2.36
CA PRO D 82 -20.89 -13.84 -2.69
C PRO D 82 -21.25 -15.00 -3.65
N ARG D 83 -20.49 -15.21 -4.70
CA ARG D 83 -20.83 -16.26 -5.73
C ARG D 83 -20.57 -17.66 -5.26
N VAL D 84 -19.54 -17.83 -4.45
CA VAL D 84 -19.15 -19.17 -4.01
C VAL D 84 -19.74 -19.53 -2.63
N PHE D 85 -19.70 -18.61 -1.70
CA PHE D 85 -20.10 -18.91 -0.31
C PHE D 85 -21.44 -18.30 0.12
N GLY D 86 -22.13 -17.59 -0.76
CA GLY D 86 -23.44 -17.02 -0.39
C GLY D 86 -23.40 -15.79 0.53
N ALA D 87 -22.24 -15.18 0.69
CA ALA D 87 -22.13 -13.99 1.55
C ALA D 87 -22.87 -12.85 0.88
N TYR D 88 -23.56 -12.05 1.65
CA TYR D 88 -24.17 -10.83 1.12
C TYR D 88 -23.27 -9.59 1.09
N LYS D 89 -22.88 -9.20 -0.13
CA LYS D 89 -22.03 -8.03 -0.34
C LYS D 89 -22.79 -6.74 -0.04
N LEU D 90 -22.25 -5.92 0.86
CA LEU D 90 -22.77 -4.56 1.07
C LEU D 90 -22.33 -3.61 -0.07
N ASP D 91 -22.90 -3.78 -1.26
CA ASP D 91 -22.66 -2.85 -2.33
C ASP D 91 -23.72 -1.74 -2.23
N LYS D 92 -23.70 -0.81 -3.14
CA LYS D 92 -24.64 0.30 -3.01
C LYS D 92 -26.08 -0.19 -2.96
N SER D 93 -26.44 -1.14 -3.82
CA SER D 93 -27.86 -1.53 -3.91
C SER D 93 -28.31 -2.22 -2.68
N TYR D 94 -27.49 -3.14 -2.19
CA TYR D 94 -27.82 -3.87 -0.99
C TYR D 94 -27.98 -2.91 0.21
N ARG D 95 -27.04 -1.95 0.31
CA ARG D 95 -27.04 -1.05 1.45
C ARG D 95 -28.31 -0.17 1.42
N ALA D 96 -28.69 0.27 0.23
CA ALA D 96 -29.95 1.05 0.10
C ALA D 96 -31.22 0.25 0.48
N ALA D 97 -31.25 -1.03 0.11
CA ALA D 97 -32.40 -1.91 0.34
C ALA D 97 -32.54 -2.49 1.76
N ASN D 98 -31.53 -2.33 2.58
CA ASN D 98 -31.50 -2.99 3.86
C ASN D 98 -31.05 -2.06 4.98
N GLU D 99 -31.99 -1.40 5.66
CA GLU D 99 -31.65 -0.62 6.83
C GLU D 99 -30.95 -1.50 7.90
N PRO D 100 -30.00 -0.91 8.66
CA PRO D 100 -29.54 0.45 8.63
C PRO D 100 -28.22 0.65 7.79
N PHE D 101 -28.00 -0.19 6.78
CA PHE D 101 -26.69 -0.31 6.16
C PHE D 101 -26.24 0.89 5.32
N ILE D 102 -27.13 1.85 5.03
CA ILE D 102 -26.74 3.05 4.29
C ILE D 102 -25.89 4.02 5.12
N HIS D 103 -25.92 3.87 6.43
CA HIS D 103 -25.16 4.77 7.29
C HIS D 103 -23.64 4.53 7.18
N PRO D 104 -22.84 5.62 7.28
CA PRO D 104 -21.40 5.48 6.99
C PRO D 104 -20.58 4.61 7.88
N CYS D 105 -21.06 4.31 9.08
CA CYS D 105 -20.32 3.35 9.89
C CYS D 105 -20.17 1.98 9.21
N PHE D 106 -21.08 1.66 8.29
CA PHE D 106 -21.03 0.40 7.55
C PHE D 106 -20.12 0.44 6.29
N ASP D 107 -19.53 1.62 6.03
CA ASP D 107 -18.57 1.77 4.95
C ASP D 107 -17.44 0.71 5.06
N GLU D 108 -17.06 0.35 6.30
CA GLU D 108 -16.00 -0.65 6.62
C GLU D 108 -16.46 -2.11 6.71
N ILE D 109 -17.73 -2.36 6.50
CA ILE D 109 -18.28 -3.74 6.49
C ILE D 109 -18.45 -4.20 5.03
N ASP D 110 -17.82 -5.30 4.69
CA ASP D 110 -17.92 -5.83 3.32
C ASP D 110 -19.11 -6.73 3.11
N HIS D 111 -19.42 -7.57 4.09
CA HIS D 111 -20.51 -8.55 3.95
C HIS D 111 -21.30 -8.83 5.22
N VAL D 112 -22.52 -9.27 4.97
CA VAL D 112 -23.34 -9.98 5.97
C VAL D 112 -23.34 -11.47 5.70
N ILE D 113 -23.04 -12.26 6.74
CA ILE D 113 -23.06 -13.71 6.61
C ILE D 113 -24.28 -14.18 7.42
N GLN D 114 -25.21 -14.82 6.72
CA GLN D 114 -26.37 -15.41 7.38
C GLN D 114 -26.15 -16.88 7.61
N ARG D 115 -25.95 -17.28 8.86
CA ARG D 115 -25.76 -18.68 9.20
C ARG D 115 -27.10 -19.46 9.19
N ASP D 116 -27.04 -20.74 8.83
CA ASP D 116 -28.24 -21.59 8.79
C ASP D 116 -28.92 -21.85 10.15
N ASP D 117 -28.17 -21.68 11.25
CA ASP D 117 -28.70 -21.71 12.62
C ASP D 117 -29.30 -20.36 13.10
N GLY D 118 -29.42 -19.38 12.21
CA GLY D 118 -29.96 -18.06 12.53
C GLY D 118 -28.96 -17.00 12.91
N ARG D 119 -27.75 -17.41 13.27
CA ARG D 119 -26.70 -16.42 13.59
C ARG D 119 -26.44 -15.50 12.40
N ILE D 120 -26.11 -14.26 12.72
CA ILE D 120 -25.79 -13.27 11.70
C ILE D 120 -24.46 -12.62 12.07
N GLU D 121 -23.49 -12.67 11.15
CA GLU D 121 -22.14 -12.15 11.40
C GLU D 121 -21.80 -11.13 10.35
N LEU D 122 -21.26 -9.97 10.78
CA LEU D 122 -20.69 -8.99 9.83
C LEU D 122 -19.19 -9.28 9.64
N LEU D 123 -18.74 -9.11 8.40
CA LEU D 123 -17.33 -9.33 8.02
C LEU D 123 -16.70 -8.11 7.38
N SER D 124 -15.54 -7.73 7.92
CA SER D 124 -14.66 -6.80 7.29
C SER D 124 -13.46 -7.61 6.88
N LEU D 125 -13.17 -7.67 5.60
CA LEU D 125 -12.14 -8.59 5.13
C LEU D 125 -10.85 -7.88 4.71
N LYS D 126 -9.70 -8.47 5.01
CA LYS D 126 -8.39 -7.98 4.56
C LYS D 126 -7.53 -9.13 4.01
N ALA D 127 -6.56 -8.81 3.13
CA ALA D 127 -5.67 -9.87 2.55
C ALA D 127 -4.75 -10.53 3.57
N GLY D 128 -4.03 -9.71 4.34
CA GLY D 128 -2.84 -10.17 5.05
C GLY D 128 -2.41 -9.26 6.18
N LYS D 129 -1.32 -9.69 6.83
CA LYS D 129 -0.84 -9.02 8.04
C LYS D 129 -0.51 -7.54 7.86
N TRP D 130 -0.03 -7.17 6.66
CA TRP D 130 0.37 -5.81 6.29
C TRP D 130 -0.69 -4.85 5.75
N THR D 131 -1.91 -5.35 5.51
CA THR D 131 -2.89 -4.57 4.72
C THR D 131 -3.24 -3.21 5.37
N ILE D 132 -3.30 -3.20 6.70
CA ILE D 132 -3.70 -2.01 7.46
C ILE D 132 -2.51 -1.49 8.25
N GLN D 133 -2.54 -0.18 8.44
CA GLN D 133 -1.56 0.51 9.26
C GLN D 133 -2.33 1.23 10.37
N LEU D 134 -1.67 2.02 11.21
CA LEU D 134 -2.34 2.55 12.38
C LEU D 134 -3.62 3.35 12.10
N THR D 135 -3.55 4.29 11.17
CA THR D 135 -4.64 5.17 10.77
C THR D 135 -5.88 4.34 10.44
N MET D 136 -5.72 3.30 9.63
CA MET D 136 -6.83 2.43 9.25
C MET D 136 -7.38 1.63 10.45
N ALA D 137 -6.50 1.06 11.27
CA ALA D 137 -6.90 0.33 12.50
C ALA D 137 -7.73 1.18 13.45
N VAL D 138 -7.35 2.46 13.62
CA VAL D 138 -8.09 3.34 14.50
C VAL D 138 -9.48 3.69 13.90
N GLN D 139 -9.52 4.03 12.61
CA GLN D 139 -10.79 4.23 11.95
C GLN D 139 -11.71 3.00 12.00
N LEU D 140 -11.16 1.80 11.83
CA LEU D 140 -11.94 0.57 11.90
C LEU D 140 -12.54 0.47 13.30
N ASN D 141 -11.71 0.73 14.33
CA ASN D 141 -12.22 0.78 15.71
C ASN D 141 -13.43 1.68 15.92
N LYS D 142 -13.31 2.91 15.43
CA LYS D 142 -14.41 3.88 15.47
C LYS D 142 -15.68 3.38 14.76
N ALA D 143 -15.54 2.92 13.51
CA ALA D 143 -16.71 2.40 12.82
C ALA D 143 -17.33 1.22 13.58
N PHE D 144 -16.52 0.25 14.01
CA PHE D 144 -17.08 -0.92 14.68
C PHE D 144 -17.76 -0.55 16.02
N HIS D 145 -17.17 0.40 16.75
CA HIS D 145 -17.75 0.83 18.02
C HIS D 145 -19.14 1.43 17.79
N GLU D 146 -19.24 2.24 16.75
CA GLU D 146 -20.51 2.92 16.45
C GLU D 146 -21.60 1.91 16.05
N ILE D 147 -21.22 0.88 15.32
CA ILE D 147 -22.15 -0.17 14.94
C ILE D 147 -22.64 -0.88 16.19
N ILE D 148 -21.72 -1.33 17.04
CA ILE D 148 -21.99 -2.04 18.30
C ILE D 148 -22.95 -1.18 19.18
N ASN D 149 -22.68 0.13 19.26
CA ASN D 149 -23.44 0.96 20.17
C ASN D 149 -24.79 1.40 19.63
N ASN D 150 -24.79 1.82 18.39
CA ASN D 150 -25.97 2.41 17.79
C ASN D 150 -26.85 1.41 17.05
N TYR D 151 -26.27 0.31 16.59
CA TYR D 151 -27.01 -0.74 15.89
C TYR D 151 -26.76 -2.15 16.47
N PRO D 152 -27.09 -2.36 17.75
CA PRO D 152 -26.81 -3.65 18.33
C PRO D 152 -27.62 -4.79 17.74
N GLY D 153 -28.74 -4.46 17.10
CA GLY D 153 -29.65 -5.48 16.56
C GLY D 153 -29.33 -5.98 15.16
N VAL D 154 -28.32 -5.41 14.51
CA VAL D 154 -28.05 -5.75 13.09
C VAL D 154 -27.30 -7.09 12.93
N ALA D 155 -26.66 -7.56 14.01
CA ALA D 155 -25.88 -8.78 13.97
C ALA D 155 -25.52 -9.25 15.34
N ASP D 156 -25.05 -10.50 15.42
CA ASP D 156 -24.54 -11.08 16.66
C ASP D 156 -23.14 -10.63 17.03
N ASN D 157 -22.32 -10.33 15.99
CA ASN D 157 -20.89 -10.10 16.14
C ASN D 157 -20.24 -9.61 14.83
N ILE D 158 -19.02 -9.05 14.95
CA ILE D 158 -18.29 -8.58 13.80
C ILE D 158 -17.00 -9.41 13.71
N VAL D 159 -16.64 -9.79 12.49
CA VAL D 159 -15.43 -10.55 12.27
C VAL D 159 -14.56 -9.78 11.28
N VAL D 160 -13.28 -9.71 11.65
CA VAL D 160 -12.27 -9.30 10.73
C VAL D 160 -11.61 -10.57 10.24
N GLY D 161 -11.72 -10.78 8.93
CA GLY D 161 -11.12 -11.90 8.24
C GLY D 161 -9.78 -11.45 7.62
N VAL D 162 -8.76 -12.27 7.72
CA VAL D 162 -7.49 -12.07 7.04
C VAL D 162 -7.30 -13.32 6.17
N PHE D 163 -7.33 -13.15 4.85
CA PHE D 163 -7.45 -14.36 4.02
C PHE D 163 -6.18 -15.19 3.78
N TYR D 164 -5.01 -14.61 4.03
CA TYR D 164 -3.76 -15.40 4.06
C TYR D 164 -2.90 -15.03 5.26
N GLY D 165 -2.09 -16.02 5.64
CA GLY D 165 -1.25 -15.93 6.81
C GLY D 165 -1.85 -16.67 7.98
N ASN D 166 -1.37 -16.30 9.16
CA ASN D 166 -1.85 -16.90 10.38
C ASN D 166 -1.90 -15.88 11.53
N SER D 167 -2.49 -16.26 12.65
CA SER D 167 -2.77 -15.30 13.67
C SER D 167 -1.48 -14.84 14.31
N HIS D 168 -0.52 -15.75 14.46
CA HIS D 168 0.77 -15.41 15.07
C HIS D 168 1.50 -14.31 14.28
N GLY D 169 1.40 -14.35 12.96
CA GLY D 169 2.02 -13.39 12.10
C GLY D 169 1.35 -12.02 12.01
N LEU D 170 0.14 -11.85 12.54
CA LEU D 170 -0.55 -10.55 12.43
C LEU D 170 0.21 -9.47 13.20
N THR D 171 0.14 -8.23 12.72
CA THR D 171 0.68 -7.11 13.44
C THR D 171 -0.24 -6.70 14.59
N ASP D 172 0.27 -5.77 15.39
CA ASP D 172 -0.48 -5.13 16.46
C ASP D 172 -1.72 -4.35 15.98
N LYS D 173 -1.80 -4.08 14.68
CA LYS D 173 -2.92 -3.28 14.17
C LYS D 173 -4.24 -4.04 14.30
N TYR D 174 -4.14 -5.38 14.23
CA TYR D 174 -5.26 -6.24 14.42
C TYR D 174 -5.68 -6.31 15.88
N ARG D 175 -4.83 -5.88 16.80
CA ARG D 175 -5.23 -5.71 18.22
C ARG D 175 -5.85 -4.32 18.47
N ILE D 176 -5.23 -3.29 17.86
CA ILE D 176 -5.69 -1.90 17.95
C ILE D 176 -7.13 -1.72 17.47
N LEU D 177 -7.50 -2.40 16.40
CA LEU D 177 -8.87 -2.24 15.92
C LEU D 177 -9.94 -2.77 16.92
N ARG D 178 -9.52 -3.70 17.79
CA ARG D 178 -10.35 -4.24 18.90
C ARG D 178 -10.37 -3.37 20.15
N GLY D 179 -9.62 -2.27 20.10
CA GLY D 179 -9.43 -1.38 21.23
C GLY D 179 -8.31 -1.78 22.19
N ILE D 180 -7.44 -2.70 21.77
CA ILE D 180 -6.31 -3.15 22.63
C ILE D 180 -5.11 -2.23 22.28
N ASN D 181 -4.70 -1.35 23.20
CA ASN D 181 -3.77 -0.25 22.89
C ASN D 181 -2.72 -0.15 23.99
N THR D 182 -1.63 -0.91 23.85
CA THR D 182 -0.64 -1.06 24.91
C THR D 182 0.50 -0.07 24.82
N GLY D 183 0.54 0.71 23.74
CA GLY D 183 1.70 1.59 23.52
C GLY D 183 1.26 3.03 23.72
N ALA D 184 1.63 3.89 22.80
CA ALA D 184 1.18 5.27 22.88
C ALA D 184 -0.31 5.31 22.74
N ASN D 185 -0.91 6.32 23.37
CA ASN D 185 -2.36 6.44 23.40
C ASN D 185 -2.93 6.82 22.01
N HIS D 186 -3.92 6.07 21.52
CA HIS D 186 -4.69 6.46 20.33
C HIS D 186 -6.19 6.55 20.56
N ASN D 187 -6.65 6.50 21.79
CA ASN D 187 -8.09 6.75 22.09
C ASN D 187 -9.03 5.81 21.30
N VAL D 188 -8.74 4.54 21.32
CA VAL D 188 -9.58 3.51 20.74
C VAL D 188 -10.38 2.97 21.89
N ILE D 189 -11.46 2.24 21.60
CA ILE D 189 -12.37 1.78 22.61
C ILE D 189 -12.39 0.26 22.64
N ASP D 190 -12.31 -0.31 23.83
CA ASP D 190 -12.28 -1.74 23.95
C ASP D 190 -13.61 -2.33 23.48
N ILE D 191 -13.55 -3.08 22.40
CA ILE D 191 -14.74 -3.75 21.81
C ILE D 191 -14.46 -5.25 21.54
N ARG D 192 -13.56 -5.83 22.31
CA ARG D 192 -13.07 -7.16 21.95
C ARG D 192 -14.05 -8.32 22.20
N ASP D 193 -15.05 -8.09 23.04
CA ASP D 193 -16.15 -9.09 23.16
C ASP D 193 -16.93 -9.25 21.86
N LYS D 194 -16.98 -8.20 21.04
CA LYS D 194 -17.85 -8.22 19.83
C LYS D 194 -17.09 -8.22 18.51
N VAL D 195 -15.76 -8.08 18.58
CA VAL D 195 -14.92 -8.08 17.37
C VAL D 195 -13.81 -9.11 17.53
N HIS D 196 -13.75 -10.08 16.62
CA HIS D 196 -12.79 -11.18 16.63
C HIS D 196 -12.15 -11.26 15.25
N VAL D 197 -10.87 -11.66 15.22
CA VAL D 197 -10.05 -11.74 14.03
C VAL D 197 -9.69 -13.20 13.69
N TYR D 198 -9.95 -13.67 12.45
CA TYR D 198 -9.55 -15.03 12.04
C TYR D 198 -8.71 -14.94 10.80
N ALA D 199 -7.60 -15.69 10.75
CA ALA D 199 -6.59 -15.65 9.67
C ALA D 199 -6.31 -17.01 9.02
N GLY D 200 -6.08 -16.97 7.73
CA GLY D 200 -5.59 -18.10 6.97
C GLY D 200 -6.55 -19.27 6.97
N LYS D 201 -6.04 -20.45 7.31
CA LYS D 201 -6.86 -21.68 7.38
C LYS D 201 -8.12 -21.44 8.24
N GLU D 202 -7.92 -20.78 9.36
CA GLU D 202 -9.02 -20.44 10.25
C GLU D 202 -10.10 -19.51 9.68
N PHE D 203 -9.67 -18.47 8.96
CA PHE D 203 -10.66 -17.63 8.26
C PHE D 203 -11.52 -18.45 7.30
N TRP D 204 -10.87 -19.22 6.42
CA TRP D 204 -11.62 -20.02 5.41
C TRP D 204 -12.54 -21.05 6.08
N SER D 205 -12.06 -21.67 7.15
CA SER D 205 -12.86 -22.63 7.86
C SER D 205 -14.05 -21.96 8.55
N TRP D 206 -13.79 -20.85 9.26
CA TRP D 206 -14.89 -19.98 9.79
C TRP D 206 -15.90 -19.57 8.76
N LEU D 207 -15.43 -19.06 7.62
CA LEU D 207 -16.31 -18.71 6.52
C LEU D 207 -17.25 -19.88 6.13
N ASN D 208 -16.67 -21.06 5.97
CA ASN D 208 -17.38 -22.23 5.40
C ASN D 208 -17.76 -23.23 6.49
N ASN D 209 -18.32 -22.71 7.58
CA ASN D 209 -18.95 -23.53 8.58
C ASN D 209 -18.10 -24.66 9.15
N GLY D 210 -16.81 -24.44 9.31
CA GLY D 210 -15.95 -25.41 9.93
C GLY D 210 -15.25 -26.43 9.04
N GLU D 211 -15.46 -26.36 7.74
CA GLU D 211 -14.73 -27.19 6.79
C GLU D 211 -13.28 -26.75 6.67
N ALA D 212 -12.42 -27.45 7.39
CA ALA D 212 -10.98 -27.19 7.45
C ALA D 212 -10.24 -27.16 6.12
N GLU D 213 -10.75 -27.86 5.10
CA GLU D 213 -10.00 -27.98 3.82
C GLU D 213 -10.36 -26.88 2.80
N THR D 214 -11.22 -25.96 3.22
CA THR D 214 -11.76 -24.97 2.28
C THR D 214 -10.69 -24.18 1.56
N GLN D 215 -9.64 -23.74 2.28
CA GLN D 215 -8.52 -23.00 1.67
C GLN D 215 -7.91 -23.75 0.49
N HIS D 216 -7.81 -25.08 0.62
CA HIS D 216 -7.27 -25.90 -0.48
C HIS D 216 -8.18 -25.96 -1.68
N TRP D 217 -9.50 -25.94 -1.45
CA TRP D 217 -10.47 -25.96 -2.54
C TRP D 217 -10.43 -24.66 -3.33
N VAL D 218 -10.25 -23.55 -2.60
CA VAL D 218 -10.11 -22.23 -3.22
C VAL D 218 -8.88 -22.17 -4.14
N LEU D 219 -7.75 -22.59 -3.62
CA LEU D 219 -6.51 -22.68 -4.41
C LEU D 219 -6.64 -23.57 -5.67
N GLU D 220 -7.31 -24.71 -5.52
CA GLU D 220 -7.48 -25.64 -6.65
C GLU D 220 -8.32 -25.01 -7.73
N GLY D 221 -9.37 -24.28 -7.36
CA GLY D 221 -10.12 -23.54 -8.39
C GLY D 221 -9.26 -22.55 -9.19
N ILE D 222 -8.41 -21.82 -8.47
CA ILE D 222 -7.53 -20.86 -9.07
C ILE D 222 -6.53 -21.55 -10.06
N GLU D 223 -5.92 -22.63 -9.62
CA GLU D 223 -4.96 -23.42 -10.44
C GLU D 223 -5.61 -23.88 -11.72
N ARG D 224 -6.78 -24.49 -11.61
CA ARG D 224 -7.55 -24.89 -12.81
C ARG D 224 -7.77 -23.74 -13.77
N ALA D 225 -8.20 -22.59 -13.23
CA ALA D 225 -8.46 -21.40 -14.05
C ALA D 225 -7.21 -20.92 -14.79
N VAL D 226 -6.10 -20.89 -14.08
CA VAL D 226 -4.80 -20.54 -14.67
C VAL D 226 -4.40 -21.56 -15.76
N LYS D 227 -4.49 -22.84 -15.44
CA LYS D 227 -4.09 -23.88 -16.37
C LYS D 227 -4.87 -23.68 -17.65
N GLU D 228 -6.18 -23.50 -17.51
CA GLU D 228 -7.07 -23.41 -18.65
C GLU D 228 -6.86 -22.17 -19.48
N ALA D 229 -6.47 -21.05 -18.86
CA ALA D 229 -6.29 -19.79 -19.61
C ALA D 229 -5.08 -19.76 -20.58
N ASP D 230 -4.06 -20.56 -20.34
CA ASP D 230 -2.95 -20.65 -21.28
C ASP D 230 -2.36 -19.26 -21.69
N ILE D 231 -1.70 -18.59 -20.72
CA ILE D 231 -1.25 -17.22 -20.93
C ILE D 231 0.28 -17.07 -20.91
N LYS D 232 1.00 -18.14 -20.61
CA LYS D 232 2.46 -18.03 -20.40
C LYS D 232 3.29 -17.68 -21.61
N GLU D 233 2.77 -17.98 -22.78
CA GLU D 233 3.50 -17.70 -23.99
C GLU D 233 3.19 -16.32 -24.52
N LYS D 234 1.92 -16.02 -24.69
CA LYS D 234 1.50 -14.78 -25.26
C LYS D 234 1.74 -13.55 -24.43
N ASN D 235 1.88 -13.71 -23.11
CA ASN D 235 2.09 -12.54 -22.24
C ASN D 235 3.45 -11.91 -22.43
N LYS D 236 4.41 -12.68 -22.92
CA LYS D 236 5.79 -12.19 -22.98
C LYS D 236 5.79 -10.99 -23.88
N ASP D 237 5.21 -11.17 -25.05
CA ASP D 237 5.04 -10.05 -25.97
C ASP D 237 4.07 -8.98 -25.49
N LEU D 238 2.98 -9.40 -24.86
CA LEU D 238 2.02 -8.43 -24.36
C LEU D 238 2.72 -7.46 -23.35
N ILE D 239 3.54 -8.00 -22.45
CA ILE D 239 4.21 -7.12 -21.49
C ILE D 239 5.29 -6.22 -22.16
N GLU D 240 6.03 -6.76 -23.13
CA GLU D 240 6.96 -5.93 -23.90
C GLU D 240 6.30 -4.72 -24.57
N LYS D 241 5.16 -4.97 -25.21
CA LYS D 241 4.40 -3.91 -25.85
C LYS D 241 3.78 -2.91 -24.88
N PHE D 242 3.45 -3.35 -23.67
CA PHE D 242 3.03 -2.43 -22.58
C PHE D 242 4.21 -1.47 -22.22
N LYS D 243 5.41 -2.04 -22.10
CA LYS D 243 6.60 -1.23 -21.87
C LYS D 243 6.83 -0.22 -23.01
N GLU D 244 6.79 -0.65 -24.27
CA GLU D 244 6.99 0.30 -25.37
C GLU D 244 5.99 1.47 -25.27
N HIS D 245 4.74 1.11 -24.99
CA HIS D 245 3.68 2.09 -24.86
C HIS D 245 3.99 3.14 -23.77
N VAL D 246 4.44 2.69 -22.60
CA VAL D 246 4.67 3.59 -21.48
C VAL D 246 5.84 4.52 -21.80
N ALA D 247 6.92 3.95 -22.34
CA ALA D 247 8.15 4.69 -22.60
C ALA D 247 7.91 5.83 -23.58
N LYS D 248 7.10 5.62 -24.61
CA LYS D 248 6.69 6.72 -25.49
C LYS D 248 6.00 7.90 -24.81
N LYS D 249 5.47 7.76 -23.60
CA LYS D 249 4.89 8.93 -22.89
C LYS D 249 5.97 9.95 -22.46
N TYR D 250 7.17 9.45 -22.24
CA TYR D 250 8.31 10.23 -21.78
C TYR D 250 9.52 10.37 -22.74
N ASN D 251 9.62 9.52 -23.76
CA ASN D 251 10.88 9.38 -24.56
C ASN D 251 11.33 10.74 -25.11
N GLU D 252 10.43 11.46 -25.78
CA GLU D 252 10.85 12.68 -26.47
C GLU D 252 11.36 13.71 -25.47
N GLN D 253 10.73 13.82 -24.32
CA GLN D 253 11.14 14.81 -23.34
C GLN D 253 12.39 14.44 -22.54
N VAL D 254 12.68 13.16 -22.32
CA VAL D 254 13.74 12.77 -21.35
C VAL D 254 14.97 12.04 -21.93
N LEU D 255 14.84 11.52 -23.14
CA LEU D 255 15.88 10.61 -23.64
C LEU D 255 17.12 11.34 -24.12
N ASN D 256 18.27 10.80 -23.75
CA ASN D 256 19.55 11.12 -24.38
C ASN D 256 19.77 10.19 -25.54
N ALA D 257 20.63 10.57 -26.47
CA ALA D 257 20.93 9.71 -27.63
C ALA D 257 21.34 8.29 -27.25
N ASP D 258 22.07 8.09 -26.15
CA ASP D 258 22.43 6.74 -25.75
C ASP D 258 21.29 5.94 -25.07
N GLY D 259 20.09 6.49 -25.02
CA GLY D 259 18.95 5.78 -24.44
C GLY D 259 18.85 5.88 -22.91
N THR D 260 19.78 6.60 -22.28
CA THR D 260 19.62 6.95 -20.86
C THR D 260 18.63 8.12 -20.74
N ALA D 261 18.22 8.42 -19.51
CA ALA D 261 17.21 9.50 -19.34
C ALA D 261 17.75 10.72 -18.55
N GLN D 262 17.21 11.89 -18.84
CA GLN D 262 17.50 13.10 -18.09
C GLN D 262 16.57 13.20 -16.88
N TRP D 263 17.11 12.89 -15.71
CA TRP D 263 16.24 12.77 -14.54
C TRP D 263 15.51 14.05 -14.21
N HIS D 264 16.18 15.17 -14.48
CA HIS D 264 15.58 16.49 -14.22
C HIS D 264 14.42 16.85 -15.14
N LYS D 265 14.44 16.37 -16.39
CA LYS D 265 13.29 16.48 -17.30
C LYS D 265 12.10 15.60 -16.86
N LEU D 266 12.43 14.40 -16.38
CA LEU D 266 11.44 13.49 -15.86
C LEU D 266 10.73 14.12 -14.65
N LEU D 267 11.53 14.66 -13.72
CA LEU D 267 11.02 15.38 -12.54
C LEU D 267 10.12 16.55 -12.96
N GLU D 268 10.60 17.38 -13.88
CA GLU D 268 9.82 18.57 -14.31
C GLU D 268 8.44 18.19 -14.80
N MET D 269 8.42 17.17 -15.67
CA MET D 269 7.16 16.61 -16.24
C MET D 269 6.21 16.11 -15.21
N ILE D 270 6.72 15.40 -14.21
CA ILE D 270 5.87 14.76 -13.27
C ILE D 270 5.32 15.73 -12.25
N ASN D 271 6.18 16.69 -11.84
CA ASN D 271 5.91 17.52 -10.65
C ASN D 271 5.18 18.83 -10.88
N GLU D 272 4.75 19.07 -12.10
CA GLU D 272 3.83 20.19 -12.33
C GLU D 272 2.87 19.86 -13.45
N MET C 1 16.19 28.06 2.75
CA MET C 1 17.46 27.37 2.52
C MET C 1 17.89 27.63 1.06
N ASN C 2 19.16 27.95 0.84
CA ASN C 2 19.69 28.13 -0.50
C ASN C 2 20.17 26.86 -1.17
N LYS C 3 20.65 27.00 -2.42
CA LYS C 3 21.01 25.83 -3.25
C LYS C 3 22.09 24.92 -2.61
N GLN C 4 23.14 25.51 -2.03
CA GLN C 4 24.23 24.68 -1.45
C GLN C 4 23.73 23.98 -0.18
N GLU C 5 23.02 24.74 0.64
CA GLU C 5 22.43 24.17 1.91
C GLU C 5 21.61 22.91 1.63
N VAL C 6 20.76 23.02 0.61
CA VAL C 6 19.85 21.93 0.29
C VAL C 6 20.54 20.72 -0.32
N ILE C 7 21.37 20.96 -1.36
CA ILE C 7 22.07 19.87 -2.05
C ILE C 7 22.95 19.09 -1.08
N LEU C 8 23.83 19.78 -0.36
CA LEU C 8 24.78 19.12 0.55
C LEU C 8 24.18 18.30 1.68
N LYS C 9 23.16 18.83 2.31
CA LYS C 9 22.46 18.18 3.39
C LYS C 9 21.52 17.08 2.88
N VAL C 10 20.89 17.22 1.72
CA VAL C 10 20.14 16.08 1.15
C VAL C 10 21.11 14.94 0.85
N GLN C 11 22.27 15.28 0.31
CA GLN C 11 23.27 14.26 -0.02
C GLN C 11 23.63 13.42 1.19
N GLU C 12 23.87 14.12 2.29
CA GLU C 12 24.20 13.48 3.55
C GLU C 12 23.07 12.49 3.95
N CYS C 13 21.83 12.94 3.92
CA CYS C 13 20.67 12.10 4.29
C CYS C 13 20.54 10.87 3.40
N ALA C 14 20.60 11.11 2.10
CA ALA C 14 20.55 10.05 1.10
C ALA C 14 21.71 9.03 1.18
N ALA C 15 22.92 9.52 1.42
CA ALA C 15 24.07 8.63 1.63
C ALA C 15 23.74 7.60 2.69
N TRP C 16 23.26 8.10 3.86
CA TRP C 16 22.81 7.26 4.98
C TRP C 16 21.79 6.26 4.48
N TRP C 17 20.82 6.71 3.70
CA TRP C 17 19.68 5.87 3.31
C TRP C 17 20.12 4.74 2.39
N ILE C 18 21.06 5.05 1.49
CA ILE C 18 21.66 4.01 0.62
C ILE C 18 22.28 2.88 1.45
N LEU C 19 23.04 3.19 2.49
CA LEU C 19 23.59 2.16 3.38
C LEU C 19 22.50 1.29 4.04
N GLU C 20 21.44 1.96 4.45
CA GLU C 20 20.35 1.30 5.09
C GLU C 20 19.71 0.27 4.16
N ARG C 21 19.45 0.66 2.91
CA ARG C 21 18.90 -0.24 1.89
C ARG C 21 19.88 -1.35 1.47
N GLN C 22 21.19 -1.11 1.57
CA GLN C 22 22.20 -2.15 1.32
C GLN C 22 22.19 -3.20 2.39
N SER C 23 22.01 -2.74 3.63
CA SER C 23 22.00 -3.59 4.79
C SER C 23 20.83 -4.59 4.82
N LYS C 24 19.74 -4.23 4.16
CA LYS C 24 18.63 -5.14 3.90
C LYS C 24 19.15 -6.45 3.26
N LEU C 25 20.09 -6.28 2.33
CA LEU C 25 20.69 -7.38 1.58
C LEU C 25 21.81 -8.04 2.34
N THR C 26 22.72 -7.25 2.88
CA THR C 26 23.85 -7.84 3.54
C THR C 26 23.44 -8.58 4.79
N LYS C 27 22.43 -8.10 5.50
CA LYS C 27 21.97 -8.78 6.69
C LYS C 27 20.89 -9.83 6.40
N LEU C 28 20.53 -10.00 5.13
CA LEU C 28 19.64 -11.07 4.72
C LEU C 28 18.31 -10.97 5.50
N MET C 29 17.75 -9.77 5.51
CA MET C 29 16.54 -9.51 6.30
C MET C 29 15.28 -9.76 5.44
N SER C 30 14.75 -10.98 5.53
CA SER C 30 13.59 -11.42 4.72
C SER C 30 12.31 -11.64 5.56
N GLU C 31 12.41 -11.40 6.87
CA GLU C 31 11.31 -11.72 7.82
C GLU C 31 10.03 -10.90 7.54
N THR C 32 10.19 -9.72 6.94
CA THR C 32 9.10 -8.80 6.63
C THR C 32 8.40 -9.01 5.28
N MET C 33 8.84 -10.01 4.52
CA MET C 33 8.30 -10.29 3.22
C MET C 33 7.11 -11.24 3.23
N SER C 34 5.95 -10.76 2.80
CA SER C 34 4.78 -11.62 2.71
C SER C 34 4.65 -12.28 1.34
N ILE C 35 4.05 -13.47 1.33
CA ILE C 35 3.67 -14.16 0.10
C ILE C 35 2.21 -14.56 0.17
N ASN C 36 1.44 -14.18 -0.84
CA ASN C 36 0.02 -14.58 -0.96
C ASN C 36 -0.04 -15.94 -1.69
N PRO C 37 -0.37 -17.01 -0.94
CA PRO C 37 -0.23 -18.37 -1.54
C PRO C 37 -1.31 -18.71 -2.57
N PHE C 38 -2.36 -17.90 -2.64
CA PHE C 38 -3.37 -18.11 -3.63
C PHE C 38 -2.96 -17.56 -4.98
N MET C 39 -2.05 -16.59 -5.00
CA MET C 39 -1.74 -15.89 -6.23
C MET C 39 -0.54 -16.49 -6.94
N THR C 40 0.24 -17.30 -6.27
CA THR C 40 1.44 -17.84 -6.87
C THR C 40 1.32 -18.56 -8.25
N PRO C 41 0.33 -19.48 -8.45
CA PRO C 41 0.16 -20.09 -9.76
C PRO C 41 -0.12 -19.04 -10.81
N PHE C 42 -0.84 -17.97 -10.43
CA PHE C 42 -1.24 -16.92 -11.37
C PHE C 42 -0.04 -16.10 -11.83
N ILE C 43 0.78 -15.70 -10.88
CA ILE C 43 1.95 -14.89 -11.15
C ILE C 43 2.96 -15.69 -12.00
N PHE C 44 3.10 -16.97 -11.65
CA PHE C 44 4.04 -17.87 -12.34
C PHE C 44 3.80 -17.85 -13.83
N ASP C 45 2.55 -18.04 -14.25
CA ASP C 45 2.25 -18.00 -15.67
C ASP C 45 2.09 -16.61 -16.29
N TYR C 46 1.52 -15.65 -15.57
CA TYR C 46 1.29 -14.30 -16.16
C TYR C 46 2.59 -13.60 -16.55
N HIS C 47 3.63 -13.82 -15.77
CA HIS C 47 4.93 -13.22 -15.96
C HIS C 47 5.94 -14.24 -16.57
N SER C 48 5.44 -15.38 -17.08
CA SER C 48 6.25 -16.32 -17.84
C SER C 48 7.51 -16.80 -17.15
N LEU C 49 7.36 -17.22 -15.89
CA LEU C 49 8.47 -17.63 -15.07
C LEU C 49 8.76 -19.10 -15.35
N ASN C 50 10.04 -19.47 -15.30
CA ASN C 50 10.46 -20.82 -15.76
C ASN C 50 10.76 -21.85 -14.71
N ASP C 51 11.00 -21.42 -13.48
CA ASP C 51 11.37 -22.32 -12.39
C ASP C 51 11.20 -21.59 -11.04
N PHE C 52 11.45 -22.30 -9.96
CA PHE C 52 11.07 -21.78 -8.64
C PHE C 52 11.98 -20.62 -8.27
N ASP C 53 13.27 -20.76 -8.57
CA ASP C 53 14.23 -19.66 -8.46
C ASP C 53 13.73 -18.34 -9.15
N GLU C 54 13.20 -18.46 -10.37
CA GLU C 54 12.62 -17.29 -11.06
C GLU C 54 11.40 -16.73 -10.31
N LEU C 55 10.60 -17.60 -9.69
CA LEU C 55 9.46 -17.14 -8.87
C LEU C 55 9.93 -16.33 -7.66
N VAL C 56 10.88 -16.89 -6.91
CA VAL C 56 11.49 -16.22 -5.76
C VAL C 56 12.12 -14.89 -6.16
N GLU C 57 12.79 -14.85 -7.31
CA GLU C 57 13.37 -13.62 -7.84
C GLU C 57 12.31 -12.55 -8.10
N ALA C 58 11.20 -12.90 -8.74
CA ALA C 58 10.13 -11.93 -8.99
C ALA C 58 9.52 -11.40 -7.68
N ILE C 59 9.40 -12.27 -6.71
CA ILE C 59 8.80 -11.93 -5.41
C ILE C 59 9.71 -11.01 -4.61
N ILE C 60 10.99 -11.35 -4.58
CA ILE C 60 11.99 -10.54 -3.96
C ILE C 60 12.09 -9.15 -4.58
N ALA C 61 12.09 -9.07 -5.91
CA ALA C 61 12.15 -7.76 -6.58
C ALA C 61 10.98 -6.88 -6.19
N LYS C 62 9.76 -7.41 -6.27
CA LYS C 62 8.58 -6.72 -5.75
C LYS C 62 8.72 -6.27 -4.27
N HIS C 63 9.22 -7.13 -3.38
CA HIS C 63 9.37 -6.80 -1.97
C HIS C 63 10.38 -5.64 -1.82
N LEU C 64 11.47 -5.71 -2.55
CA LEU C 64 12.49 -4.65 -2.52
C LEU C 64 11.94 -3.29 -2.98
N MET C 65 11.19 -3.30 -4.07
CA MET C 65 10.56 -2.08 -4.53
C MET C 65 9.58 -1.45 -3.50
N THR C 66 8.76 -2.28 -2.86
CA THR C 66 7.82 -1.86 -1.82
C THR C 66 8.61 -1.21 -0.67
N GLY C 67 9.70 -1.88 -0.24
CA GLY C 67 10.63 -1.40 0.76
C GLY C 67 11.26 -0.10 0.41
N HIS C 68 11.62 0.11 -0.87
CA HIS C 68 12.23 1.36 -1.32
C HIS C 68 11.22 2.54 -1.19
N ASP C 69 9.95 2.31 -1.60
CA ASP C 69 8.96 3.37 -1.52
C ASP C 69 8.72 3.74 -0.05
N THR C 70 8.61 2.75 0.81
CA THR C 70 8.37 2.94 2.22
C THR C 70 9.53 3.71 2.88
N GLY C 71 10.76 3.25 2.66
CA GLY C 71 11.94 3.87 3.28
C GLY C 71 12.14 5.28 2.77
N PHE C 72 11.83 5.52 1.51
CA PHE C 72 12.02 6.82 0.92
C PHE C 72 11.03 7.84 1.55
N GLY C 73 9.77 7.44 1.73
CA GLY C 73 8.80 8.35 2.37
C GLY C 73 9.26 8.65 3.79
N LYS C 74 9.77 7.63 4.50
CA LYS C 74 10.33 7.85 5.84
C LYS C 74 11.53 8.78 5.83
N LEU C 75 12.37 8.66 4.77
CA LEU C 75 13.61 9.48 4.64
C LEU C 75 13.27 10.97 4.56
N ILE C 76 12.32 11.28 3.69
CA ILE C 76 11.87 12.65 3.46
C ILE C 76 11.33 13.25 4.76
N ASP C 77 10.52 12.45 5.44
CA ASP C 77 9.76 12.88 6.60
C ASP C 77 10.71 13.05 7.82
N GLU C 78 11.49 12.02 8.09
CA GLU C 78 12.17 11.90 9.36
C GLU C 78 13.58 12.52 9.33
N LYS C 79 14.22 12.60 8.15
CA LYS C 79 15.62 13.05 8.05
C LYS C 79 15.71 14.37 7.28
N ILE C 80 15.23 14.37 6.04
CA ILE C 80 15.44 15.53 5.13
C ILE C 80 14.69 16.76 5.63
N LEU C 81 13.41 16.61 5.99
CA LEU C 81 12.67 17.78 6.37
C LEU C 81 13.35 18.46 7.59
N PRO C 82 13.60 17.70 8.66
CA PRO C 82 14.23 18.36 9.81
C PRO C 82 15.64 18.80 9.54
N ARG C 83 16.47 17.93 8.98
CA ARG C 83 17.89 18.23 8.91
C ARG C 83 18.23 19.22 7.83
N VAL C 84 17.46 19.21 6.74
CA VAL C 84 17.77 20.08 5.64
C VAL C 84 16.93 21.35 5.76
N PHE C 85 15.63 21.23 6.14
CA PHE C 85 14.78 22.39 6.11
C PHE C 85 14.43 23.01 7.51
N GLY C 86 14.91 22.38 8.59
CA GLY C 86 14.60 22.85 9.93
C GLY C 86 13.17 22.66 10.42
N ALA C 87 12.43 21.73 9.79
CA ALA C 87 11.08 21.41 10.28
C ALA C 87 11.23 20.68 11.62
N TYR C 88 10.33 20.93 12.56
CA TYR C 88 10.38 20.20 13.82
C TYR C 88 9.52 18.97 13.72
N LYS C 89 10.13 17.81 13.81
CA LYS C 89 9.41 16.55 13.66
C LYS C 89 8.68 16.23 14.97
N LEU C 90 7.45 15.78 14.84
CA LEU C 90 6.67 15.41 16.03
C LEU C 90 7.02 13.95 16.33
N ASP C 91 8.23 13.71 16.85
CA ASP C 91 8.61 12.35 17.23
C ASP C 91 8.22 12.19 18.70
N LYS C 92 8.56 11.03 19.28
CA LYS C 92 8.08 10.70 20.63
C LYS C 92 8.54 11.75 21.60
N SER C 93 9.82 12.06 21.53
CA SER C 93 10.44 13.01 22.45
C SER C 93 9.85 14.46 22.34
N TYR C 94 9.72 14.95 21.12
CA TYR C 94 9.14 16.26 20.87
C TYR C 94 7.73 16.37 21.43
N ARG C 95 6.92 15.36 21.12
CA ARG C 95 5.51 15.37 21.52
C ARG C 95 5.29 15.34 23.03
N ALA C 96 6.12 14.59 23.74
CA ALA C 96 6.07 14.47 25.24
C ALA C 96 6.45 15.83 25.85
N ALA C 97 7.33 16.56 25.18
CA ALA C 97 7.90 17.76 25.74
C ALA C 97 7.16 19.03 25.39
N ASN C 98 6.30 19.00 24.38
CA ASN C 98 5.69 20.21 23.86
C ASN C 98 4.18 20.10 23.87
N GLU C 99 3.57 20.82 24.80
CA GLU C 99 2.11 20.92 24.93
C GLU C 99 1.51 21.54 23.70
N PRO C 100 0.30 21.09 23.25
CA PRO C 100 -0.49 19.94 23.63
C PRO C 100 -0.31 18.72 22.70
N PHE C 101 0.89 18.54 22.15
CA PHE C 101 1.12 17.59 21.09
C PHE C 101 1.01 16.12 21.47
N ILE C 102 0.79 15.84 22.76
CA ILE C 102 0.70 14.45 23.21
C ILE C 102 -0.66 13.85 22.82
N HIS C 103 -1.64 14.70 22.51
CA HIS C 103 -2.98 14.21 22.30
C HIS C 103 -3.01 13.46 20.97
N PRO C 104 -3.75 12.36 20.92
CA PRO C 104 -3.75 11.53 19.68
C PRO C 104 -4.25 12.17 18.40
N CYS C 105 -4.94 13.29 18.47
CA CYS C 105 -5.28 14.01 17.23
C CYS C 105 -4.02 14.51 16.48
N PHE C 106 -2.89 14.63 17.18
CA PHE C 106 -1.60 14.92 16.54
C PHE C 106 -0.83 13.68 15.93
N ASP C 107 -1.38 12.46 16.06
CA ASP C 107 -0.76 11.24 15.41
C ASP C 107 -0.64 11.41 13.90
N GLU C 108 -1.57 12.19 13.32
CA GLU C 108 -1.63 12.52 11.85
C GLU C 108 -0.81 13.77 11.43
N ILE C 109 -0.11 14.42 12.35
CA ILE C 109 0.71 15.56 12.03
C ILE C 109 2.21 15.19 12.08
N ASP C 110 2.92 15.35 10.97
CA ASP C 110 4.36 15.07 10.92
C ASP C 110 5.28 16.17 11.48
N HIS C 111 4.99 17.43 11.19
CA HIS C 111 5.95 18.50 11.56
C HIS C 111 5.27 19.79 11.96
N VAL C 112 5.97 20.57 12.79
CA VAL C 112 5.67 22.03 12.93
C VAL C 112 6.68 22.86 12.14
N ILE C 113 6.20 23.76 11.29
CA ILE C 113 7.06 24.67 10.54
C ILE C 113 6.95 26.07 11.19
N GLN C 114 8.09 26.64 11.59
CA GLN C 114 8.13 27.94 12.21
C GLN C 114 8.69 28.90 11.20
N ARG C 115 7.87 29.83 10.73
CA ARG C 115 8.27 30.76 9.71
C ARG C 115 8.93 31.99 10.37
N ASP C 116 9.83 32.64 9.65
CA ASP C 116 10.54 33.85 10.15
C ASP C 116 9.64 35.03 10.45
N ASP C 117 8.43 35.06 9.88
CA ASP C 117 7.49 36.12 10.19
C ASP C 117 6.55 35.83 11.34
N GLY C 118 6.76 34.72 12.03
CA GLY C 118 5.93 34.37 13.19
C GLY C 118 4.80 33.36 12.92
N ARG C 119 4.50 33.10 11.66
CA ARG C 119 3.46 32.10 11.33
C ARG C 119 3.91 30.71 11.73
N ILE C 120 2.98 29.92 12.22
CA ILE C 120 3.16 28.49 12.50
C ILE C 120 2.23 27.64 11.62
N GLU C 121 2.85 26.73 10.87
CA GLU C 121 2.12 25.80 10.03
C GLU C 121 2.35 24.39 10.47
N LEU C 122 1.27 23.67 10.63
CA LEU C 122 1.39 22.21 10.82
C LEU C 122 1.45 21.46 9.46
N LEU C 123 2.30 20.44 9.39
CA LEU C 123 2.44 19.66 8.14
C LEU C 123 2.10 18.14 8.33
N SER C 124 1.24 17.64 7.43
CA SER C 124 0.95 16.20 7.26
C SER C 124 1.33 15.80 5.84
N LEU C 125 2.41 15.04 5.75
CA LEU C 125 3.04 14.77 4.47
C LEU C 125 2.73 13.39 3.91
N LYS C 126 2.49 13.31 2.59
CA LYS C 126 2.30 12.06 1.82
C LYS C 126 3.17 12.10 0.58
N ALA C 127 3.57 10.92 0.10
CA ALA C 127 4.39 10.81 -1.13
C ALA C 127 3.65 11.29 -2.37
N GLY C 128 2.47 10.79 -2.60
CA GLY C 128 1.82 10.93 -3.91
C GLY C 128 0.33 10.75 -3.91
N LYS C 129 -0.23 10.76 -5.12
CA LYS C 129 -1.65 10.81 -5.31
C LYS C 129 -2.36 9.56 -4.82
N TRP C 130 -1.68 8.42 -4.81
CA TRP C 130 -2.26 7.11 -4.39
C TRP C 130 -2.12 6.74 -2.91
N THR C 131 -1.37 7.53 -2.15
CA THR C 131 -0.84 7.09 -0.81
C THR C 131 -1.98 6.79 0.20
N ILE C 132 -3.05 7.60 0.12
CA ILE C 132 -4.21 7.49 0.95
C ILE C 132 -5.37 6.93 0.19
N GLN C 133 -6.21 6.23 0.93
CA GLN C 133 -7.50 5.79 0.42
C GLN C 133 -8.57 6.36 1.31
N LEU C 134 -9.83 5.93 1.10
CA LEU C 134 -10.97 6.56 1.79
C LEU C 134 -10.88 6.49 3.30
N THR C 135 -10.61 5.31 3.85
CA THR C 135 -10.52 5.13 5.31
C THR C 135 -9.52 6.17 5.86
N MET C 136 -8.37 6.28 5.20
CA MET C 136 -7.32 7.18 5.72
C MET C 136 -7.76 8.64 5.62
N ALA C 137 -8.39 9.00 4.51
CA ALA C 137 -8.87 10.39 4.32
C ALA C 137 -9.89 10.87 5.37
N VAL C 138 -10.81 10.00 5.72
CA VAL C 138 -11.87 10.30 6.74
C VAL C 138 -11.21 10.50 8.12
N GLN C 139 -10.30 9.61 8.42
CA GLN C 139 -9.51 9.69 9.69
C GLN C 139 -8.67 10.94 9.74
N LEU C 140 -8.01 11.34 8.62
CA LEU C 140 -7.35 12.64 8.57
C LEU C 140 -8.28 13.83 8.84
N ASN C 141 -9.45 13.84 8.20
CA ASN C 141 -10.49 14.85 8.50
C ASN C 141 -10.86 14.96 10.00
N LYS C 142 -11.04 13.82 10.65
CA LYS C 142 -11.40 13.74 12.07
C LYS C 142 -10.32 14.36 12.92
N ALA C 143 -9.07 14.01 12.61
CA ALA C 143 -7.93 14.52 13.37
C ALA C 143 -7.75 16.00 13.23
N PHE C 144 -7.78 16.48 11.98
CA PHE C 144 -7.62 17.90 11.67
C PHE C 144 -8.76 18.75 12.31
N HIS C 145 -10.00 18.30 12.20
CA HIS C 145 -11.16 19.02 12.76
C HIS C 145 -11.02 19.18 14.30
N GLU C 146 -10.52 18.15 14.97
CA GLU C 146 -10.27 18.19 16.44
C GLU C 146 -9.20 19.23 16.84
N ILE C 147 -8.13 19.28 16.08
CA ILE C 147 -7.07 20.27 16.24
C ILE C 147 -7.64 21.65 16.07
N ILE C 148 -8.34 21.84 14.96
CA ILE C 148 -8.89 23.14 14.64
C ILE C 148 -9.86 23.65 15.72
N ASN C 149 -10.71 22.77 16.23
CA ASN C 149 -11.75 23.20 17.15
C ASN C 149 -11.30 23.18 18.59
N ASN C 150 -10.44 22.23 18.93
CA ASN C 150 -9.98 22.09 20.32
C ASN C 150 -8.61 22.70 20.67
N TYR C 151 -7.74 22.87 19.67
CA TYR C 151 -6.40 23.49 19.87
C TYR C 151 -6.12 24.59 18.84
N PRO C 152 -7.03 25.58 18.77
CA PRO C 152 -6.89 26.64 17.77
C PRO C 152 -5.61 27.44 17.90
N GLY C 153 -5.09 27.51 19.10
CA GLY C 153 -3.85 28.26 19.35
C GLY C 153 -2.55 27.63 18.90
N VAL C 154 -2.54 26.36 18.51
CA VAL C 154 -1.26 25.68 18.25
C VAL C 154 -0.59 26.12 16.97
N ALA C 155 -1.34 26.68 16.04
CA ALA C 155 -0.80 26.98 14.73
C ALA C 155 -1.77 27.86 14.03
N ASP C 156 -1.32 28.46 12.94
CA ASP C 156 -2.22 29.29 12.10
C ASP C 156 -3.02 28.48 11.05
N ASN C 157 -2.45 27.37 10.58
CA ASN C 157 -3.09 26.51 9.57
C ASN C 157 -2.43 25.17 9.48
N ILE C 158 -3.08 24.26 8.72
CA ILE C 158 -2.67 22.89 8.47
C ILE C 158 -2.46 22.75 6.95
N VAL C 159 -1.31 22.22 6.55
CA VAL C 159 -1.03 21.86 5.19
C VAL C 159 -0.89 20.37 5.05
N VAL C 160 -1.52 19.83 4.00
CA VAL C 160 -1.20 18.48 3.60
C VAL C 160 -0.22 18.60 2.42
N GLY C 161 0.97 18.04 2.55
CA GLY C 161 1.97 18.09 1.48
C GLY C 161 1.98 16.79 0.72
N VAL C 162 2.14 16.88 -0.60
CA VAL C 162 2.28 15.69 -1.47
C VAL C 162 3.59 15.89 -2.25
N PHE C 163 4.62 15.09 -1.97
CA PHE C 163 5.98 15.44 -2.41
C PHE C 163 6.33 15.18 -3.88
N TYR C 164 5.58 14.30 -4.56
CA TYR C 164 5.64 14.22 -6.03
C TYR C 164 4.24 14.18 -6.69
N GLY C 165 4.24 14.56 -7.98
CA GLY C 165 3.03 14.69 -8.77
C GLY C 165 2.54 16.12 -8.75
N ASN C 166 1.29 16.31 -9.14
CA ASN C 166 0.71 17.64 -9.17
C ASN C 166 -0.70 17.69 -8.67
N SER C 167 -1.17 18.90 -8.48
CA SER C 167 -2.48 19.15 -7.94
C SER C 167 -3.61 18.49 -8.73
N HIS C 168 -3.53 18.62 -10.05
CA HIS C 168 -4.54 18.12 -10.98
C HIS C 168 -4.57 16.60 -11.00
N GLY C 169 -3.43 15.92 -10.82
CA GLY C 169 -3.41 14.46 -10.72
C GLY C 169 -3.86 13.84 -9.40
N LEU C 170 -4.05 14.64 -8.35
CA LEU C 170 -4.53 14.09 -7.08
C LEU C 170 -5.93 13.49 -7.17
N THR C 171 -6.16 12.47 -6.36
CA THR C 171 -7.47 11.81 -6.31
C THR C 171 -8.44 12.59 -5.43
N ASP C 172 -9.71 12.18 -5.46
CA ASP C 172 -10.74 12.78 -4.58
C ASP C 172 -10.46 12.66 -3.05
N LYS C 173 -9.55 11.78 -2.62
CA LYS C 173 -9.24 11.56 -1.20
C LYS C 173 -8.67 12.84 -0.58
N TYR C 174 -7.99 13.63 -1.41
CA TYR C 174 -7.44 14.93 -0.98
C TYR C 174 -8.51 16.00 -0.83
N ARG C 175 -9.71 15.72 -1.36
CA ARG C 175 -10.90 16.61 -1.15
C ARG C 175 -11.59 16.13 0.10
N ILE C 176 -11.74 14.82 0.22
CA ILE C 176 -12.46 14.22 1.34
C ILE C 176 -11.81 14.68 2.63
N LEU C 177 -10.46 14.76 2.65
CA LEU C 177 -9.81 15.04 3.92
C LEU C 177 -10.07 16.49 4.36
N ARG C 178 -10.34 17.34 3.37
CA ARG C 178 -10.79 18.74 3.65
C ARG C 178 -12.28 18.89 4.01
N GLY C 179 -13.04 17.80 4.07
CA GLY C 179 -14.47 17.85 4.29
C GLY C 179 -15.33 18.01 3.05
N ILE C 180 -14.73 17.97 1.86
CA ILE C 180 -15.47 18.03 0.62
C ILE C 180 -15.86 16.61 0.22
N ASN C 181 -17.17 16.35 0.17
CA ASN C 181 -17.76 14.97 0.05
C ASN C 181 -18.98 15.03 -0.90
N THR C 182 -18.71 14.97 -2.20
CA THR C 182 -19.68 15.07 -3.28
C THR C 182 -20.40 13.78 -3.67
N GLY C 183 -19.86 12.59 -3.31
CA GLY C 183 -20.51 11.33 -3.64
C GLY C 183 -21.27 10.76 -2.47
N ALA C 184 -21.04 9.50 -2.14
CA ALA C 184 -21.76 8.89 -1.02
C ALA C 184 -21.31 9.50 0.28
N ASN C 185 -22.24 9.59 1.21
CA ASN C 185 -22.00 10.23 2.52
C ASN C 185 -20.98 9.49 3.37
N HIS C 186 -20.00 10.24 3.87
CA HIS C 186 -19.04 9.70 4.80
C HIS C 186 -18.93 10.52 6.08
N ASN C 187 -19.65 11.62 6.22
CA ASN C 187 -19.60 12.27 7.54
C ASN C 187 -18.21 12.80 7.89
N VAL C 188 -17.69 13.59 6.98
CA VAL C 188 -16.52 14.37 7.19
C VAL C 188 -17.07 15.76 7.35
N ILE C 189 -16.28 16.67 7.89
CA ILE C 189 -16.74 18.02 8.18
C ILE C 189 -15.87 19.00 7.42
N ASP C 190 -16.53 20.00 6.85
CA ASP C 190 -15.89 21.01 6.01
C ASP C 190 -14.91 21.81 6.86
N ILE C 191 -13.63 21.76 6.47
CA ILE C 191 -12.55 22.50 7.18
C ILE C 191 -11.60 23.14 6.14
N ARG C 192 -12.14 23.42 4.95
CA ARG C 192 -11.28 23.75 3.80
C ARG C 192 -10.53 25.07 3.96
N ASP C 193 -11.07 25.97 4.77
CA ASP C 193 -10.43 27.23 5.08
C ASP C 193 -9.17 27.09 5.93
N LYS C 194 -9.02 25.98 6.66
CA LYS C 194 -7.88 25.78 7.54
C LYS C 194 -6.95 24.69 7.10
N VAL C 195 -7.36 23.92 6.09
CA VAL C 195 -6.52 22.84 5.57
C VAL C 195 -6.30 23.02 4.07
N HIS C 196 -5.06 23.13 3.66
CA HIS C 196 -4.67 23.27 2.25
C HIS C 196 -3.69 22.22 1.75
N VAL C 197 -3.82 21.84 0.49
CA VAL C 197 -3.00 20.77 -0.10
C VAL C 197 -2.07 21.38 -1.15
N TYR C 198 -0.78 21.09 -1.05
CA TYR C 198 0.21 21.47 -2.03
C TYR C 198 0.97 20.26 -2.50
N ALA C 199 1.16 20.21 -3.80
CA ALA C 199 1.73 19.04 -4.47
C ALA C 199 2.96 19.35 -5.37
N GLY C 200 3.90 18.43 -5.41
CA GLY C 200 5.00 18.47 -6.36
C GLY C 200 5.91 19.69 -6.19
N LYS C 201 6.20 20.36 -7.30
CA LYS C 201 6.99 21.60 -7.29
C LYS C 201 6.49 22.61 -6.27
N GLU C 202 5.17 22.73 -6.22
CA GLU C 202 4.48 23.66 -5.35
C GLU C 202 4.61 23.30 -3.85
N PHE C 203 4.64 22.01 -3.55
CA PHE C 203 4.98 21.60 -2.17
C PHE C 203 6.39 22.01 -1.76
N TRP C 204 7.37 21.71 -2.62
CA TRP C 204 8.78 21.99 -2.29
C TRP C 204 9.03 23.50 -2.18
N SER C 205 8.33 24.23 -3.04
CA SER C 205 8.35 25.67 -2.97
C SER C 205 7.76 26.23 -1.69
N TRP C 206 6.55 25.79 -1.39
CA TRP C 206 5.88 26.18 -0.13
C TRP C 206 6.78 25.88 1.07
N LEU C 207 7.36 24.67 1.10
CA LEU C 207 8.27 24.28 2.22
C LEU C 207 9.43 25.29 2.40
N ASN C 208 10.05 25.66 1.30
CA ASN C 208 11.31 26.42 1.29
C ASN C 208 11.05 27.89 0.86
N ASN C 209 10.02 28.50 1.45
CA ASN C 209 9.80 29.98 1.38
C ASN C 209 9.76 30.55 -0.02
N GLY C 210 9.13 29.77 -0.91
CA GLY C 210 8.87 30.19 -2.27
C GLY C 210 9.98 29.93 -3.27
N GLU C 211 11.04 29.20 -2.90
CA GLU C 211 12.11 28.90 -3.86
C GLU C 211 11.61 27.79 -4.83
N ALA C 212 11.22 28.22 -6.02
CA ALA C 212 10.75 27.34 -7.11
C ALA C 212 11.64 26.17 -7.51
N GLU C 213 12.96 26.35 -7.41
CA GLU C 213 13.91 25.32 -7.86
C GLU C 213 14.22 24.25 -6.80
N THR C 214 13.57 24.34 -5.65
CA THR C 214 13.94 23.47 -4.51
C THR C 214 13.95 21.95 -4.85
N GLN C 215 12.92 21.53 -5.57
CA GLN C 215 12.79 20.12 -6.01
C GLN C 215 14.01 19.63 -6.82
N HIS C 216 14.58 20.48 -7.68
CA HIS C 216 15.79 20.11 -8.43
C HIS C 216 16.99 19.94 -7.53
N TRP C 217 17.07 20.83 -6.55
CA TRP C 217 18.16 20.76 -5.52
C TRP C 217 18.10 19.47 -4.71
N VAL C 218 16.88 19.08 -4.31
CA VAL C 218 16.63 17.75 -3.72
C VAL C 218 17.08 16.59 -4.62
N LEU C 219 16.63 16.59 -5.87
CA LEU C 219 17.03 15.51 -6.79
C LEU C 219 18.57 15.47 -6.97
N GLU C 220 19.20 16.64 -7.08
CA GLU C 220 20.66 16.72 -7.20
C GLU C 220 21.40 16.12 -6.02
N GLY C 221 20.95 16.40 -4.79
CA GLY C 221 21.53 15.79 -3.61
C GLY C 221 21.49 14.27 -3.67
N ILE C 222 20.35 13.73 -4.09
CA ILE C 222 20.18 12.28 -4.21
C ILE C 222 21.09 11.68 -5.26
N GLU C 223 21.12 12.34 -6.41
CA GLU C 223 22.07 11.97 -7.51
C GLU C 223 23.51 11.87 -7.03
N ARG C 224 23.97 12.90 -6.34
CA ARG C 224 25.37 12.87 -5.90
C ARG C 224 25.63 11.72 -4.95
N ALA C 225 24.69 11.49 -4.03
CA ALA C 225 24.86 10.39 -3.02
C ALA C 225 24.92 9.01 -3.72
N VAL C 226 24.03 8.82 -4.70
CA VAL C 226 24.03 7.55 -5.48
C VAL C 226 25.37 7.32 -6.16
N LYS C 227 25.85 8.36 -6.85
CA LYS C 227 27.14 8.32 -7.60
C LYS C 227 28.30 8.01 -6.69
N GLU C 228 28.41 8.71 -5.57
CA GLU C 228 29.46 8.40 -4.65
C GLU C 228 29.34 7.00 -4.07
N ALA C 229 28.12 6.50 -3.85
CA ALA C 229 27.95 5.16 -3.25
C ALA C 229 28.47 3.98 -4.09
N ASP C 230 28.37 4.12 -5.42
CA ASP C 230 28.97 3.18 -6.36
C ASP C 230 28.51 1.74 -6.08
N ILE C 231 27.22 1.49 -6.22
CA ILE C 231 26.61 0.17 -5.84
C ILE C 231 26.16 -0.67 -7.03
N LYS C 232 26.39 -0.21 -8.26
CA LYS C 232 25.73 -0.79 -9.46
C LYS C 232 26.29 -2.19 -9.81
N GLU C 233 27.59 -2.40 -9.53
CA GLU C 233 28.21 -3.75 -9.64
C GLU C 233 28.04 -4.68 -8.46
N LYS C 234 28.31 -4.21 -7.27
CA LYS C 234 28.33 -5.07 -6.11
C LYS C 234 26.96 -5.60 -5.72
N ASN C 235 25.95 -4.78 -5.94
CA ASN C 235 24.57 -5.20 -5.67
C ASN C 235 24.11 -6.43 -6.48
N LYS C 236 24.66 -6.68 -7.67
CA LYS C 236 24.16 -7.84 -8.47
C LYS C 236 24.28 -9.12 -7.65
N ASP C 237 25.42 -9.30 -7.00
CA ASP C 237 25.70 -10.51 -6.24
C ASP C 237 24.96 -10.48 -4.90
N LEU C 238 24.93 -9.32 -4.25
CA LEU C 238 24.18 -9.19 -3.00
C LEU C 238 22.71 -9.51 -3.25
N ILE C 239 22.16 -9.10 -4.38
CA ILE C 239 20.73 -9.41 -4.66
C ILE C 239 20.56 -10.93 -4.89
N GLU C 240 21.55 -11.53 -5.55
CA GLU C 240 21.44 -12.94 -5.88
C GLU C 240 21.49 -13.80 -4.63
N LYS C 241 22.30 -13.39 -3.68
CA LYS C 241 22.41 -14.06 -2.41
C LYS C 241 21.17 -13.88 -1.51
N PHE C 242 20.55 -12.71 -1.59
CA PHE C 242 19.28 -12.49 -0.92
C PHE C 242 18.31 -13.51 -1.51
N LYS C 243 18.23 -13.60 -2.84
CA LYS C 243 17.38 -14.58 -3.49
C LYS C 243 17.63 -16.04 -3.07
N GLU C 244 18.90 -16.44 -2.96
CA GLU C 244 19.26 -17.80 -2.54
C GLU C 244 18.85 -18.05 -1.07
N HIS C 245 19.05 -17.06 -0.22
CA HIS C 245 18.64 -17.16 1.17
C HIS C 245 17.13 -17.44 1.29
N VAL C 246 16.30 -16.76 0.49
CA VAL C 246 14.83 -16.90 0.53
C VAL C 246 14.38 -18.25 0.00
N ALA C 247 14.95 -18.68 -1.13
CA ALA C 247 14.49 -19.92 -1.74
C ALA C 247 14.77 -21.10 -0.86
N LYS C 248 15.90 -21.07 -0.17
CA LYS C 248 16.26 -22.12 0.78
C LYS C 248 15.21 -22.32 1.87
N LYS C 249 14.45 -21.27 2.19
CA LYS C 249 13.33 -21.42 3.11
C LYS C 249 12.22 -22.37 2.63
N TYR C 250 12.10 -22.54 1.32
CA TYR C 250 10.99 -23.28 0.70
C TYR C 250 11.40 -24.48 -0.19
N ASN C 251 12.57 -24.39 -0.84
CA ASN C 251 12.92 -25.27 -1.98
C ASN C 251 13.32 -26.72 -1.59
N GLU C 252 13.31 -27.03 -0.29
CA GLU C 252 13.42 -28.43 0.15
C GLU C 252 12.19 -28.81 0.86
N GLN C 253 11.06 -28.21 0.46
CA GLN C 253 9.74 -28.69 0.90
C GLN C 253 8.53 -28.40 0.03
N VAL C 254 8.59 -27.45 -0.89
CA VAL C 254 7.49 -27.25 -1.81
C VAL C 254 7.75 -27.86 -3.20
N LEU C 255 8.95 -28.39 -3.47
CA LEU C 255 9.28 -28.83 -4.84
C LEU C 255 9.07 -30.33 -5.05
N ASN C 256 8.56 -30.68 -6.23
CA ASN C 256 8.46 -32.07 -6.67
C ASN C 256 9.78 -32.45 -7.30
N ALA C 257 9.94 -33.75 -7.55
CA ALA C 257 11.09 -34.29 -8.27
C ALA C 257 11.33 -33.60 -9.63
N ASP C 258 10.27 -33.24 -10.38
CA ASP C 258 10.46 -32.62 -11.68
C ASP C 258 10.74 -31.12 -11.62
N GLY C 259 10.94 -30.57 -10.42
CA GLY C 259 11.17 -29.13 -10.23
C GLY C 259 9.92 -28.24 -10.14
N THR C 260 8.73 -28.80 -10.35
CA THR C 260 7.49 -28.01 -10.22
C THR C 260 7.12 -27.83 -8.73
N ALA C 261 6.41 -26.75 -8.42
CA ALA C 261 6.00 -26.43 -7.06
C ALA C 261 4.70 -27.08 -6.69
N GLN C 262 4.67 -27.54 -5.44
CA GLN C 262 3.47 -28.05 -4.78
C GLN C 262 2.86 -26.82 -4.06
N TRP C 263 2.08 -26.08 -4.81
CA TRP C 263 1.39 -24.87 -4.32
C TRP C 263 0.55 -25.12 -3.05
N HIS C 264 0.05 -26.35 -2.88
CA HIS C 264 -0.71 -26.67 -1.68
C HIS C 264 0.19 -26.80 -0.46
N LYS C 265 1.46 -27.19 -0.68
CA LYS C 265 2.39 -27.23 0.41
C LYS C 265 2.82 -25.82 0.83
N LEU C 266 3.05 -24.96 -0.15
CA LEU C 266 3.33 -23.56 0.17
C LEU C 266 2.15 -22.91 0.95
N LEU C 267 0.92 -23.22 0.52
CA LEU C 267 -0.30 -22.78 1.20
C LEU C 267 -0.31 -23.20 2.67
N GLU C 268 0.01 -24.48 2.87
CA GLU C 268 -0.01 -25.04 4.18
C GLU C 268 0.92 -24.30 5.10
N MET C 269 2.18 -24.09 4.65
CA MET C 269 3.19 -23.40 5.44
C MET C 269 2.78 -21.97 5.79
N ILE C 270 2.23 -21.23 4.84
CA ILE C 270 1.85 -19.83 5.10
C ILE C 270 0.61 -19.67 5.96
N ASN C 271 -0.42 -20.47 5.72
CA ASN C 271 -1.77 -20.24 6.31
C ASN C 271 -2.10 -20.88 7.68
N GLU C 272 -1.09 -21.45 8.33
CA GLU C 272 -1.22 -21.92 9.72
C GLU C 272 0.10 -21.86 10.46
N MET D 1 -20.67 -25.17 2.01
CA MET D 1 -20.39 -25.48 0.58
C MET D 1 -19.42 -26.65 0.53
N ASN D 2 -19.66 -27.57 -0.42
CA ASN D 2 -18.84 -28.77 -0.56
C ASN D 2 -17.67 -28.58 -1.52
N LYS D 3 -16.80 -29.57 -1.52
CA LYS D 3 -15.57 -29.51 -2.27
C LYS D 3 -15.77 -29.10 -3.71
N GLN D 4 -16.73 -29.71 -4.41
CA GLN D 4 -16.81 -29.51 -5.89
C GLN D 4 -17.42 -28.14 -6.21
N GLU D 5 -18.39 -27.73 -5.40
CA GLU D 5 -19.02 -26.42 -5.51
C GLU D 5 -18.01 -25.28 -5.39
N VAL D 6 -17.13 -25.40 -4.40
CA VAL D 6 -16.17 -24.37 -4.10
C VAL D 6 -15.12 -24.32 -5.23
N ILE D 7 -14.58 -25.50 -5.59
CA ILE D 7 -13.56 -25.59 -6.63
C ILE D 7 -14.06 -25.01 -7.92
N LEU D 8 -15.19 -25.52 -8.36
CA LEU D 8 -15.73 -25.10 -9.66
C LEU D 8 -16.17 -23.62 -9.67
N LYS D 9 -16.87 -23.16 -8.64
CA LYS D 9 -17.29 -21.76 -8.65
C LYS D 9 -16.13 -20.75 -8.43
N VAL D 10 -15.11 -21.13 -7.67
CA VAL D 10 -13.91 -20.30 -7.57
C VAL D 10 -13.27 -20.27 -8.98
N GLN D 11 -13.18 -21.44 -9.63
CA GLN D 11 -12.61 -21.48 -10.97
C GLN D 11 -13.31 -20.46 -11.92
N GLU D 12 -14.63 -20.39 -11.87
CA GLU D 12 -15.33 -19.43 -12.74
C GLU D 12 -14.94 -17.97 -12.43
N CYS D 13 -14.83 -17.64 -11.14
CA CYS D 13 -14.46 -16.28 -10.74
C CYS D 13 -13.04 -15.91 -11.21
N ALA D 14 -12.12 -16.84 -11.00
CA ALA D 14 -10.74 -16.62 -11.28
C ALA D 14 -10.54 -16.53 -12.81
N ALA D 15 -11.34 -17.26 -13.60
CA ALA D 15 -11.23 -17.21 -15.04
C ALA D 15 -11.62 -15.83 -15.52
N TRP D 16 -12.72 -15.30 -14.97
CA TRP D 16 -13.14 -13.91 -15.24
C TRP D 16 -11.98 -12.92 -14.93
N TRP D 17 -11.40 -13.11 -13.77
CA TRP D 17 -10.37 -12.21 -13.28
C TRP D 17 -9.13 -12.22 -14.18
N ILE D 18 -8.71 -13.41 -14.57
CA ILE D 18 -7.60 -13.57 -15.55
C ILE D 18 -7.81 -12.72 -16.79
N LEU D 19 -9.00 -12.77 -17.35
CA LEU D 19 -9.33 -11.94 -18.51
C LEU D 19 -9.24 -10.43 -18.20
N GLU D 20 -9.64 -10.01 -16.99
CA GLU D 20 -9.44 -8.63 -16.57
C GLU D 20 -7.98 -8.20 -16.56
N ARG D 21 -7.12 -8.98 -15.92
CA ARG D 21 -5.68 -8.68 -15.89
C ARG D 21 -5.01 -8.77 -17.28
N GLN D 22 -5.55 -9.61 -18.16
CA GLN D 22 -5.10 -9.64 -19.57
C GLN D 22 -5.47 -8.34 -20.29
N SER D 23 -6.67 -7.85 -20.05
CA SER D 23 -7.16 -6.66 -20.76
C SER D 23 -6.41 -5.38 -20.31
N LYS D 24 -5.80 -5.43 -19.13
CA LYS D 24 -4.83 -4.38 -18.67
C LYS D 24 -3.72 -4.23 -19.70
N LEU D 25 -3.22 -5.36 -20.18
CA LEU D 25 -2.15 -5.36 -21.19
C LEU D 25 -2.56 -5.08 -22.61
N THR D 26 -3.70 -5.63 -23.02
CA THR D 26 -4.16 -5.56 -24.40
C THR D 26 -4.76 -4.22 -24.68
N LYS D 27 -5.34 -3.58 -23.65
CA LYS D 27 -5.85 -2.23 -23.79
C LYS D 27 -4.84 -1.11 -23.44
N LEU D 28 -3.62 -1.51 -23.09
CA LEU D 28 -2.55 -0.58 -22.78
C LEU D 28 -3.02 0.45 -21.74
N MET D 29 -3.53 -0.08 -20.63
CA MET D 29 -4.07 0.79 -19.59
C MET D 29 -2.95 1.15 -18.60
N SER D 30 -2.32 2.29 -18.81
CA SER D 30 -1.20 2.71 -17.97
C SER D 30 -1.38 4.04 -17.26
N GLU D 31 -2.51 4.70 -17.42
CA GLU D 31 -2.68 6.02 -16.77
C GLU D 31 -2.69 5.96 -15.22
N THR D 32 -2.87 4.81 -14.62
CA THR D 32 -2.87 4.72 -13.15
C THR D 32 -1.48 4.49 -12.57
N MET D 33 -0.45 4.40 -13.43
CA MET D 33 0.91 4.04 -12.98
C MET D 33 1.74 5.25 -12.55
N SER D 34 1.96 5.39 -11.26
CA SER D 34 2.73 6.51 -10.80
C SER D 34 4.25 6.25 -10.89
N ILE D 35 4.99 7.33 -10.98
CA ILE D 35 6.46 7.33 -10.91
C ILE D 35 6.92 8.45 -9.94
N ASN D 36 7.77 8.03 -9.00
CA ASN D 36 8.41 8.90 -8.03
C ASN D 36 9.74 9.34 -8.65
N PRO D 37 9.82 10.60 -9.12
CA PRO D 37 10.91 11.09 -9.90
C PRO D 37 12.20 11.35 -9.08
N PHE D 38 12.11 11.30 -7.75
CA PHE D 38 13.29 11.43 -6.87
C PHE D 38 13.99 10.10 -6.67
N MET D 39 13.26 8.98 -6.86
CA MET D 39 13.80 7.67 -6.60
C MET D 39 14.49 7.07 -7.81
N THR D 40 14.23 7.64 -8.97
CA THR D 40 14.71 7.04 -10.22
C THR D 40 16.21 6.80 -10.29
N PRO D 41 17.07 7.75 -9.89
CA PRO D 41 18.51 7.45 -9.91
C PRO D 41 18.96 6.34 -8.97
N PHE D 42 18.31 6.25 -7.81
CA PHE D 42 18.56 5.17 -6.84
C PHE D 42 18.19 3.79 -7.40
N ILE D 43 16.98 3.66 -7.91
CA ILE D 43 16.49 2.41 -8.49
C ILE D 43 17.43 1.93 -9.62
N PHE D 44 17.78 2.87 -10.50
CA PHE D 44 18.69 2.65 -11.65
C PHE D 44 19.99 1.96 -11.25
N ASP D 45 20.64 2.41 -10.16
CA ASP D 45 21.91 1.81 -9.71
C ASP D 45 21.77 0.63 -8.79
N TYR D 46 20.90 0.72 -7.78
CA TYR D 46 20.61 -0.41 -6.92
C TYR D 46 20.25 -1.70 -7.68
N HIS D 47 19.45 -1.60 -8.74
CA HIS D 47 19.01 -2.76 -9.49
C HIS D 47 19.77 -2.89 -10.83
N SER D 48 20.85 -2.13 -10.95
CA SER D 48 21.82 -2.27 -12.06
C SER D 48 21.17 -2.25 -13.44
N LEU D 49 20.38 -1.22 -13.70
CA LEU D 49 19.66 -1.04 -14.98
C LEU D 49 20.52 -0.22 -15.94
N ASN D 50 20.39 -0.42 -17.26
CA ASN D 50 21.34 0.17 -18.22
C ASN D 50 20.83 1.35 -19.01
N ASP D 51 19.51 1.48 -19.14
CA ASP D 51 18.94 2.60 -19.85
C ASP D 51 17.50 2.84 -19.42
N PHE D 52 16.84 3.81 -20.08
CA PHE D 52 15.49 4.22 -19.69
C PHE D 52 14.47 3.07 -19.85
N ASP D 53 14.62 2.33 -20.95
CA ASP D 53 13.72 1.21 -21.21
C ASP D 53 13.77 0.16 -20.09
N GLU D 54 14.96 -0.10 -19.53
CA GLU D 54 15.09 -1.04 -18.41
C GLU D 54 14.48 -0.48 -17.12
N LEU D 55 14.54 0.84 -16.97
CA LEU D 55 13.88 1.49 -15.83
C LEU D 55 12.35 1.35 -15.98
N VAL D 56 11.80 1.67 -17.14
CA VAL D 56 10.39 1.51 -17.40
C VAL D 56 9.92 0.02 -17.22
N GLU D 57 10.69 -0.95 -17.73
CA GLU D 57 10.36 -2.35 -17.52
C GLU D 57 10.25 -2.71 -16.03
N ALA D 58 11.13 -2.14 -15.21
CA ALA D 58 11.18 -2.43 -13.76
C ALA D 58 9.97 -1.85 -13.03
N ILE D 59 9.65 -0.60 -13.38
CA ILE D 59 8.53 0.11 -12.79
C ILE D 59 7.18 -0.57 -13.20
N ILE D 60 7.03 -0.92 -14.47
CA ILE D 60 5.84 -1.65 -14.96
C ILE D 60 5.70 -2.96 -14.23
N ALA D 61 6.81 -3.68 -14.03
CA ALA D 61 6.68 -4.99 -13.37
C ALA D 61 6.14 -4.82 -11.95
N LYS D 62 6.64 -3.82 -11.25
CA LYS D 62 6.13 -3.45 -9.94
C LYS D 62 4.65 -2.98 -9.95
N HIS D 63 4.27 -2.14 -10.89
CA HIS D 63 2.91 -1.64 -11.00
C HIS D 63 1.95 -2.82 -11.30
N LEU D 64 2.38 -3.77 -12.11
CA LEU D 64 1.58 -4.95 -12.44
C LEU D 64 1.32 -5.80 -11.22
N MET D 65 2.37 -6.01 -10.44
CA MET D 65 2.29 -6.74 -9.18
C MET D 65 1.37 -6.05 -8.16
N THR D 66 1.52 -4.73 -7.96
CA THR D 66 0.52 -3.95 -7.19
C THR D 66 -0.92 -4.09 -7.68
N GLY D 67 -1.09 -3.96 -8.98
CA GLY D 67 -2.38 -4.19 -9.59
C GLY D 67 -2.98 -5.61 -9.39
N HIS D 68 -2.13 -6.64 -9.45
CA HIS D 68 -2.50 -8.02 -9.09
C HIS D 68 -3.01 -8.14 -7.64
N ASP D 69 -2.24 -7.64 -6.64
CA ASP D 69 -2.67 -7.69 -5.24
C ASP D 69 -4.02 -6.98 -5.08
N THR D 70 -4.12 -5.82 -5.70
CA THR D 70 -5.30 -4.97 -5.55
C THR D 70 -6.50 -5.72 -6.12
N GLY D 71 -6.36 -6.14 -7.38
CA GLY D 71 -7.38 -6.90 -8.10
C GLY D 71 -7.83 -8.17 -7.38
N PHE D 72 -6.86 -8.90 -6.81
CA PHE D 72 -7.15 -10.21 -6.22
C PHE D 72 -7.99 -10.02 -4.92
N GLY D 73 -7.66 -8.97 -4.19
CA GLY D 73 -8.40 -8.62 -2.97
C GLY D 73 -9.82 -8.29 -3.29
N LYS D 74 -10.01 -7.50 -4.34
CA LYS D 74 -11.37 -7.16 -4.83
C LYS D 74 -12.11 -8.41 -5.33
N LEU D 75 -11.38 -9.35 -5.95
CA LEU D 75 -11.94 -10.64 -6.44
C LEU D 75 -12.49 -11.50 -5.27
N ILE D 76 -11.69 -11.67 -4.23
CA ILE D 76 -12.14 -12.41 -3.08
C ILE D 76 -13.42 -11.79 -2.50
N ASP D 77 -13.40 -10.48 -2.32
CA ASP D 77 -14.46 -9.73 -1.66
C ASP D 77 -15.76 -9.66 -2.51
N GLU D 78 -15.65 -9.17 -3.74
CA GLU D 78 -16.76 -8.80 -4.59
C GLU D 78 -17.38 -9.99 -5.39
N LYS D 79 -16.58 -11.04 -5.69
CA LYS D 79 -17.05 -12.12 -6.55
C LYS D 79 -17.08 -13.45 -5.82
N ILE D 80 -15.95 -13.84 -5.22
CA ILE D 80 -15.83 -15.18 -4.62
C ILE D 80 -16.71 -15.35 -3.39
N LEU D 81 -16.62 -14.43 -2.43
CA LEU D 81 -17.45 -14.59 -1.26
C LEU D 81 -18.94 -14.67 -1.59
N PRO D 82 -19.47 -13.71 -2.36
CA PRO D 82 -20.89 -13.84 -2.69
C PRO D 82 -21.25 -15.00 -3.65
N ARG D 83 -20.49 -15.21 -4.70
CA ARG D 83 -20.83 -16.26 -5.73
C ARG D 83 -20.57 -17.66 -5.26
N VAL D 84 -19.54 -17.83 -4.45
CA VAL D 84 -19.15 -19.17 -4.01
C VAL D 84 -19.74 -19.53 -2.63
N PHE D 85 -19.70 -18.61 -1.70
CA PHE D 85 -20.10 -18.91 -0.31
C PHE D 85 -21.44 -18.30 0.12
N GLY D 86 -22.13 -17.59 -0.76
CA GLY D 86 -23.44 -17.02 -0.39
C GLY D 86 -23.40 -15.79 0.53
N ALA D 87 -22.24 -15.18 0.69
CA ALA D 87 -22.13 -13.99 1.55
C ALA D 87 -22.87 -12.85 0.88
N TYR D 88 -23.56 -12.05 1.65
CA TYR D 88 -24.17 -10.83 1.12
C TYR D 88 -23.27 -9.59 1.09
N LYS D 89 -22.88 -9.20 -0.13
CA LYS D 89 -22.03 -8.03 -0.34
C LYS D 89 -22.79 -6.74 -0.04
N LEU D 90 -22.25 -5.92 0.86
CA LEU D 90 -22.77 -4.56 1.07
C LEU D 90 -22.33 -3.61 -0.07
N ASP D 91 -22.90 -3.78 -1.26
CA ASP D 91 -22.66 -2.85 -2.33
C ASP D 91 -23.72 -1.74 -2.23
N LYS D 92 -23.70 -0.81 -3.14
CA LYS D 92 -24.64 0.30 -3.01
C LYS D 92 -26.08 -0.19 -2.96
N SER D 93 -26.44 -1.14 -3.82
CA SER D 93 -27.86 -1.53 -3.91
C SER D 93 -28.31 -2.22 -2.68
N TYR D 94 -27.49 -3.14 -2.19
CA TYR D 94 -27.82 -3.87 -0.99
C TYR D 94 -27.98 -2.91 0.21
N ARG D 95 -27.04 -1.95 0.31
CA ARG D 95 -27.04 -1.05 1.45
C ARG D 95 -28.31 -0.17 1.42
N ALA D 96 -28.69 0.27 0.23
CA ALA D 96 -29.95 1.05 0.10
C ALA D 96 -31.22 0.25 0.48
N ALA D 97 -31.25 -1.03 0.11
CA ALA D 97 -32.40 -1.91 0.34
C ALA D 97 -32.54 -2.49 1.76
N ASN D 98 -31.53 -2.33 2.58
CA ASN D 98 -31.50 -2.99 3.86
C ASN D 98 -31.05 -2.06 4.98
N GLU D 99 -31.99 -1.40 5.66
CA GLU D 99 -31.65 -0.62 6.83
C GLU D 99 -30.95 -1.50 7.90
N PRO D 100 -30.00 -0.91 8.66
CA PRO D 100 -29.54 0.45 8.63
C PRO D 100 -28.22 0.65 7.79
N PHE D 101 -28.00 -0.19 6.78
CA PHE D 101 -26.69 -0.31 6.16
C PHE D 101 -26.24 0.89 5.32
N ILE D 102 -27.13 1.85 5.03
CA ILE D 102 -26.74 3.05 4.29
C ILE D 102 -25.89 4.02 5.12
N HIS D 103 -25.92 3.87 6.43
CA HIS D 103 -25.16 4.77 7.29
C HIS D 103 -23.64 4.53 7.18
N PRO D 104 -22.84 5.62 7.28
CA PRO D 104 -21.40 5.48 6.99
C PRO D 104 -20.58 4.61 7.88
N CYS D 105 -21.06 4.31 9.08
CA CYS D 105 -20.32 3.35 9.89
C CYS D 105 -20.17 1.98 9.21
N PHE D 106 -21.08 1.66 8.29
CA PHE D 106 -21.03 0.40 7.55
C PHE D 106 -20.12 0.44 6.29
N ASP D 107 -19.53 1.62 6.03
CA ASP D 107 -18.57 1.77 4.95
C ASP D 107 -17.44 0.71 5.06
N GLU D 108 -17.06 0.35 6.30
CA GLU D 108 -16.00 -0.65 6.62
C GLU D 108 -16.46 -2.11 6.71
N ILE D 109 -17.73 -2.36 6.50
CA ILE D 109 -18.28 -3.74 6.49
C ILE D 109 -18.45 -4.20 5.03
N ASP D 110 -17.82 -5.30 4.69
CA ASP D 110 -17.92 -5.83 3.32
C ASP D 110 -19.11 -6.73 3.11
N HIS D 111 -19.42 -7.57 4.09
CA HIS D 111 -20.51 -8.55 3.95
C HIS D 111 -21.30 -8.83 5.22
N VAL D 112 -22.52 -9.27 4.97
CA VAL D 112 -23.34 -9.98 5.97
C VAL D 112 -23.34 -11.47 5.70
N ILE D 113 -23.04 -12.26 6.74
CA ILE D 113 -23.06 -13.71 6.61
C ILE D 113 -24.28 -14.18 7.42
N GLN D 114 -25.21 -14.82 6.72
CA GLN D 114 -26.37 -15.41 7.38
C GLN D 114 -26.15 -16.88 7.61
N ARG D 115 -25.95 -17.28 8.86
CA ARG D 115 -25.76 -18.68 9.20
C ARG D 115 -27.10 -19.46 9.19
N ASP D 116 -27.04 -20.74 8.83
CA ASP D 116 -28.24 -21.59 8.79
C ASP D 116 -28.92 -21.85 10.15
N ASP D 117 -28.17 -21.68 11.25
CA ASP D 117 -28.70 -21.71 12.62
C ASP D 117 -29.30 -20.36 13.10
N GLY D 118 -29.42 -19.38 12.21
CA GLY D 118 -29.96 -18.06 12.53
C GLY D 118 -28.96 -17.00 12.91
N ARG D 119 -27.75 -17.41 13.27
CA ARG D 119 -26.70 -16.42 13.59
C ARG D 119 -26.44 -15.50 12.40
N ILE D 120 -26.11 -14.26 12.72
CA ILE D 120 -25.79 -13.27 11.70
C ILE D 120 -24.46 -12.62 12.07
N GLU D 121 -23.49 -12.67 11.15
CA GLU D 121 -22.14 -12.15 11.40
C GLU D 121 -21.80 -11.13 10.35
N LEU D 122 -21.26 -9.97 10.78
CA LEU D 122 -20.69 -8.99 9.83
C LEU D 122 -19.19 -9.28 9.64
N LEU D 123 -18.74 -9.11 8.40
CA LEU D 123 -17.33 -9.33 8.02
C LEU D 123 -16.70 -8.11 7.38
N SER D 124 -15.54 -7.73 7.92
CA SER D 124 -14.66 -6.80 7.29
C SER D 124 -13.46 -7.61 6.88
N LEU D 125 -13.17 -7.67 5.60
CA LEU D 125 -12.14 -8.59 5.13
C LEU D 125 -10.85 -7.88 4.71
N LYS D 126 -9.70 -8.47 5.01
CA LYS D 126 -8.39 -7.98 4.56
C LYS D 126 -7.53 -9.13 4.01
N ALA D 127 -6.56 -8.81 3.13
CA ALA D 127 -5.67 -9.87 2.55
C ALA D 127 -4.75 -10.53 3.57
N GLY D 128 -4.03 -9.71 4.34
CA GLY D 128 -2.84 -10.17 5.05
C GLY D 128 -2.41 -9.26 6.18
N LYS D 129 -1.32 -9.69 6.83
CA LYS D 129 -0.84 -9.02 8.04
C LYS D 129 -0.51 -7.54 7.86
N TRP D 130 -0.03 -7.17 6.66
CA TRP D 130 0.37 -5.81 6.29
C TRP D 130 -0.69 -4.85 5.75
N THR D 131 -1.91 -5.35 5.51
CA THR D 131 -2.89 -4.57 4.72
C THR D 131 -3.24 -3.21 5.37
N ILE D 132 -3.30 -3.20 6.70
CA ILE D 132 -3.70 -2.01 7.46
C ILE D 132 -2.51 -1.49 8.25
N GLN D 133 -2.54 -0.18 8.44
CA GLN D 133 -1.56 0.51 9.26
C GLN D 133 -2.33 1.23 10.37
N LEU D 134 -1.67 2.02 11.21
CA LEU D 134 -2.34 2.55 12.38
C LEU D 134 -3.62 3.35 12.10
N THR D 135 -3.55 4.29 11.17
CA THR D 135 -4.64 5.17 10.77
C THR D 135 -5.88 4.34 10.44
N MET D 136 -5.72 3.30 9.63
CA MET D 136 -6.83 2.43 9.25
C MET D 136 -7.38 1.63 10.45
N ALA D 137 -6.50 1.06 11.27
CA ALA D 137 -6.90 0.33 12.50
C ALA D 137 -7.73 1.18 13.45
N VAL D 138 -7.35 2.46 13.62
CA VAL D 138 -8.09 3.34 14.50
C VAL D 138 -9.48 3.69 13.90
N GLN D 139 -9.52 4.03 12.61
CA GLN D 139 -10.79 4.23 11.95
C GLN D 139 -11.71 3.00 12.00
N LEU D 140 -11.16 1.80 11.83
CA LEU D 140 -11.94 0.57 11.90
C LEU D 140 -12.54 0.47 13.30
N ASN D 141 -11.71 0.73 14.33
CA ASN D 141 -12.22 0.78 15.71
C ASN D 141 -13.43 1.68 15.92
N LYS D 142 -13.31 2.91 15.43
CA LYS D 142 -14.41 3.88 15.47
C LYS D 142 -15.68 3.38 14.76
N ALA D 143 -15.54 2.92 13.51
CA ALA D 143 -16.71 2.40 12.82
C ALA D 143 -17.33 1.22 13.58
N PHE D 144 -16.52 0.25 14.01
CA PHE D 144 -17.08 -0.92 14.68
C PHE D 144 -17.76 -0.55 16.02
N HIS D 145 -17.17 0.40 16.75
CA HIS D 145 -17.75 0.83 18.02
C HIS D 145 -19.14 1.43 17.79
N GLU D 146 -19.24 2.24 16.75
CA GLU D 146 -20.51 2.92 16.45
C GLU D 146 -21.60 1.91 16.05
N ILE D 147 -21.22 0.88 15.32
CA ILE D 147 -22.15 -0.17 14.94
C ILE D 147 -22.64 -0.88 16.19
N ILE D 148 -21.72 -1.33 17.04
CA ILE D 148 -21.99 -2.04 18.30
C ILE D 148 -22.95 -1.18 19.18
N ASN D 149 -22.68 0.13 19.26
CA ASN D 149 -23.44 0.96 20.17
C ASN D 149 -24.79 1.40 19.63
N ASN D 150 -24.79 1.82 18.39
CA ASN D 150 -25.97 2.41 17.79
C ASN D 150 -26.85 1.41 17.05
N TYR D 151 -26.27 0.31 16.59
CA TYR D 151 -27.01 -0.74 15.89
C TYR D 151 -26.76 -2.15 16.47
N PRO D 152 -27.09 -2.36 17.75
CA PRO D 152 -26.81 -3.65 18.33
C PRO D 152 -27.62 -4.79 17.74
N GLY D 153 -28.74 -4.46 17.10
CA GLY D 153 -29.65 -5.48 16.56
C GLY D 153 -29.33 -5.98 15.16
N VAL D 154 -28.32 -5.41 14.51
CA VAL D 154 -28.05 -5.75 13.09
C VAL D 154 -27.30 -7.09 12.93
N ALA D 155 -26.66 -7.56 14.01
CA ALA D 155 -25.88 -8.78 13.97
C ALA D 155 -25.52 -9.25 15.34
N ASP D 156 -25.05 -10.50 15.42
CA ASP D 156 -24.54 -11.08 16.66
C ASP D 156 -23.14 -10.63 17.03
N ASN D 157 -22.32 -10.33 15.99
CA ASN D 157 -20.89 -10.10 16.14
C ASN D 157 -20.24 -9.61 14.83
N ILE D 158 -19.02 -9.05 14.95
CA ILE D 158 -18.29 -8.58 13.80
C ILE D 158 -17.00 -9.41 13.71
N VAL D 159 -16.64 -9.79 12.49
CA VAL D 159 -15.43 -10.55 12.27
C VAL D 159 -14.56 -9.78 11.28
N VAL D 160 -13.28 -9.71 11.65
CA VAL D 160 -12.27 -9.30 10.73
C VAL D 160 -11.61 -10.57 10.24
N GLY D 161 -11.72 -10.78 8.93
CA GLY D 161 -11.12 -11.90 8.24
C GLY D 161 -9.78 -11.45 7.62
N VAL D 162 -8.76 -12.27 7.72
CA VAL D 162 -7.49 -12.07 7.04
C VAL D 162 -7.30 -13.32 6.17
N PHE D 163 -7.33 -13.15 4.85
CA PHE D 163 -7.45 -14.36 4.02
C PHE D 163 -6.18 -15.19 3.78
N TYR D 164 -5.01 -14.61 4.03
CA TYR D 164 -3.76 -15.40 4.06
C TYR D 164 -2.90 -15.03 5.26
N GLY D 165 -2.09 -16.02 5.64
CA GLY D 165 -1.25 -15.93 6.81
C GLY D 165 -1.85 -16.67 7.98
N ASN D 166 -1.37 -16.30 9.16
CA ASN D 166 -1.85 -16.90 10.38
C ASN D 166 -1.90 -15.88 11.53
N SER D 167 -2.49 -16.26 12.65
CA SER D 167 -2.77 -15.30 13.67
C SER D 167 -1.48 -14.84 14.31
N HIS D 168 -0.52 -15.75 14.46
CA HIS D 168 0.77 -15.41 15.07
C HIS D 168 1.50 -14.31 14.28
N GLY D 169 1.40 -14.35 12.96
CA GLY D 169 2.02 -13.39 12.10
C GLY D 169 1.35 -12.02 12.01
N LEU D 170 0.14 -11.85 12.54
CA LEU D 170 -0.55 -10.55 12.43
C LEU D 170 0.21 -9.47 13.20
N THR D 171 0.14 -8.23 12.72
CA THR D 171 0.68 -7.11 13.44
C THR D 171 -0.24 -6.70 14.59
N ASP D 172 0.27 -5.77 15.39
CA ASP D 172 -0.48 -5.13 16.46
C ASP D 172 -1.72 -4.35 15.98
N LYS D 173 -1.80 -4.08 14.68
CA LYS D 173 -2.92 -3.28 14.17
C LYS D 173 -4.24 -4.04 14.30
N TYR D 174 -4.14 -5.38 14.23
CA TYR D 174 -5.26 -6.24 14.42
C TYR D 174 -5.68 -6.31 15.88
N ARG D 175 -4.83 -5.88 16.80
CA ARG D 175 -5.23 -5.71 18.22
C ARG D 175 -5.85 -4.32 18.47
N ILE D 176 -5.23 -3.29 17.86
CA ILE D 176 -5.69 -1.90 17.95
C ILE D 176 -7.13 -1.72 17.47
N LEU D 177 -7.50 -2.40 16.40
CA LEU D 177 -8.87 -2.24 15.92
C LEU D 177 -9.94 -2.77 16.92
N ARG D 178 -9.52 -3.70 17.79
CA ARG D 178 -10.35 -4.24 18.90
C ARG D 178 -10.37 -3.37 20.15
N GLY D 179 -9.62 -2.27 20.10
CA GLY D 179 -9.43 -1.38 21.23
C GLY D 179 -8.31 -1.78 22.19
N ILE D 180 -7.44 -2.70 21.77
CA ILE D 180 -6.31 -3.15 22.63
C ILE D 180 -5.11 -2.23 22.28
N ASN D 181 -4.70 -1.35 23.20
CA ASN D 181 -3.77 -0.25 22.89
C ASN D 181 -2.72 -0.15 23.99
N THR D 182 -1.63 -0.91 23.85
CA THR D 182 -0.64 -1.06 24.91
C THR D 182 0.50 -0.07 24.82
N GLY D 183 0.54 0.71 23.74
CA GLY D 183 1.70 1.59 23.52
C GLY D 183 1.26 3.03 23.72
N ALA D 184 1.63 3.89 22.80
CA ALA D 184 1.18 5.27 22.88
C ALA D 184 -0.31 5.31 22.74
N ASN D 185 -0.91 6.32 23.37
CA ASN D 185 -2.36 6.44 23.40
C ASN D 185 -2.93 6.82 22.01
N HIS D 186 -3.92 6.07 21.52
CA HIS D 186 -4.69 6.46 20.33
C HIS D 186 -6.19 6.55 20.56
N ASN D 187 -6.65 6.50 21.79
CA ASN D 187 -8.09 6.75 22.09
C ASN D 187 -9.03 5.81 21.30
N VAL D 188 -8.74 4.54 21.32
CA VAL D 188 -9.58 3.51 20.74
C VAL D 188 -10.38 2.97 21.89
N ILE D 189 -11.46 2.24 21.60
CA ILE D 189 -12.37 1.78 22.61
C ILE D 189 -12.39 0.26 22.64
N ASP D 190 -12.31 -0.31 23.83
CA ASP D 190 -12.28 -1.74 23.95
C ASP D 190 -13.61 -2.33 23.48
N ILE D 191 -13.55 -3.08 22.40
CA ILE D 191 -14.74 -3.75 21.81
C ILE D 191 -14.46 -5.25 21.54
N ARG D 192 -13.56 -5.83 22.31
CA ARG D 192 -13.07 -7.16 21.95
C ARG D 192 -14.05 -8.32 22.20
N ASP D 193 -15.05 -8.09 23.04
CA ASP D 193 -16.15 -9.09 23.16
C ASP D 193 -16.93 -9.25 21.86
N LYS D 194 -16.98 -8.20 21.04
CA LYS D 194 -17.85 -8.22 19.83
C LYS D 194 -17.09 -8.22 18.51
N VAL D 195 -15.76 -8.08 18.58
CA VAL D 195 -14.92 -8.08 17.37
C VAL D 195 -13.81 -9.11 17.53
N HIS D 196 -13.75 -10.08 16.62
CA HIS D 196 -12.79 -11.18 16.63
C HIS D 196 -12.15 -11.26 15.25
N VAL D 197 -10.87 -11.66 15.22
CA VAL D 197 -10.05 -11.74 14.03
C VAL D 197 -9.69 -13.20 13.69
N TYR D 198 -9.95 -13.67 12.45
CA TYR D 198 -9.55 -15.03 12.04
C TYR D 198 -8.71 -14.94 10.80
N ALA D 199 -7.60 -15.69 10.75
CA ALA D 199 -6.59 -15.65 9.67
C ALA D 199 -6.31 -17.01 9.02
N GLY D 200 -6.08 -16.97 7.73
CA GLY D 200 -5.59 -18.10 6.97
C GLY D 200 -6.55 -19.27 6.97
N LYS D 201 -6.04 -20.45 7.31
CA LYS D 201 -6.86 -21.68 7.38
C LYS D 201 -8.12 -21.44 8.24
N GLU D 202 -7.92 -20.78 9.36
CA GLU D 202 -9.02 -20.44 10.25
C GLU D 202 -10.10 -19.51 9.68
N PHE D 203 -9.67 -18.47 8.96
CA PHE D 203 -10.66 -17.63 8.26
C PHE D 203 -11.52 -18.45 7.30
N TRP D 204 -10.87 -19.22 6.42
CA TRP D 204 -11.62 -20.02 5.41
C TRP D 204 -12.54 -21.05 6.08
N SER D 205 -12.06 -21.67 7.15
CA SER D 205 -12.86 -22.63 7.86
C SER D 205 -14.05 -21.96 8.55
N TRP D 206 -13.79 -20.85 9.26
CA TRP D 206 -14.89 -19.98 9.79
C TRP D 206 -15.90 -19.57 8.76
N LEU D 207 -15.43 -19.06 7.62
CA LEU D 207 -16.31 -18.71 6.52
C LEU D 207 -17.25 -19.88 6.13
N ASN D 208 -16.67 -21.06 5.97
CA ASN D 208 -17.38 -22.23 5.40
C ASN D 208 -17.76 -23.23 6.49
N ASN D 209 -18.32 -22.71 7.58
CA ASN D 209 -18.95 -23.53 8.58
C ASN D 209 -18.10 -24.66 9.15
N GLY D 210 -16.81 -24.44 9.31
CA GLY D 210 -15.95 -25.41 9.93
C GLY D 210 -15.25 -26.43 9.04
N GLU D 211 -15.46 -26.36 7.74
CA GLU D 211 -14.73 -27.19 6.79
C GLU D 211 -13.28 -26.75 6.67
N ALA D 212 -12.42 -27.45 7.39
CA ALA D 212 -10.98 -27.19 7.45
C ALA D 212 -10.24 -27.16 6.12
N GLU D 213 -10.75 -27.86 5.10
CA GLU D 213 -10.00 -27.98 3.82
C GLU D 213 -10.36 -26.88 2.80
N THR D 214 -11.22 -25.96 3.22
CA THR D 214 -11.76 -24.97 2.28
C THR D 214 -10.69 -24.18 1.56
N GLN D 215 -9.64 -23.74 2.28
CA GLN D 215 -8.52 -23.00 1.67
C GLN D 215 -7.91 -23.75 0.49
N HIS D 216 -7.81 -25.08 0.62
CA HIS D 216 -7.27 -25.90 -0.48
C HIS D 216 -8.18 -25.96 -1.68
N TRP D 217 -9.50 -25.94 -1.45
CA TRP D 217 -10.47 -25.96 -2.54
C TRP D 217 -10.43 -24.66 -3.33
N VAL D 218 -10.25 -23.55 -2.60
CA VAL D 218 -10.11 -22.23 -3.22
C VAL D 218 -8.88 -22.17 -4.14
N LEU D 219 -7.75 -22.59 -3.62
CA LEU D 219 -6.51 -22.68 -4.41
C LEU D 219 -6.64 -23.57 -5.67
N GLU D 220 -7.31 -24.71 -5.52
CA GLU D 220 -7.48 -25.64 -6.65
C GLU D 220 -8.32 -25.01 -7.73
N GLY D 221 -9.37 -24.28 -7.36
CA GLY D 221 -10.12 -23.54 -8.39
C GLY D 221 -9.26 -22.55 -9.19
N ILE D 222 -8.41 -21.82 -8.47
CA ILE D 222 -7.53 -20.86 -9.07
C ILE D 222 -6.53 -21.55 -10.06
N GLU D 223 -5.92 -22.63 -9.62
CA GLU D 223 -4.96 -23.42 -10.44
C GLU D 223 -5.61 -23.88 -11.72
N ARG D 224 -6.78 -24.49 -11.61
CA ARG D 224 -7.55 -24.89 -12.81
C ARG D 224 -7.77 -23.74 -13.77
N ALA D 225 -8.20 -22.59 -13.23
CA ALA D 225 -8.46 -21.40 -14.05
C ALA D 225 -7.21 -20.92 -14.79
N VAL D 226 -6.10 -20.89 -14.08
CA VAL D 226 -4.80 -20.54 -14.67
C VAL D 226 -4.40 -21.56 -15.76
N LYS D 227 -4.49 -22.84 -15.44
CA LYS D 227 -4.09 -23.88 -16.37
C LYS D 227 -4.87 -23.68 -17.65
N GLU D 228 -6.18 -23.50 -17.51
CA GLU D 228 -7.07 -23.41 -18.65
C GLU D 228 -6.86 -22.17 -19.48
N ALA D 229 -6.47 -21.05 -18.86
CA ALA D 229 -6.29 -19.79 -19.61
C ALA D 229 -5.08 -19.76 -20.58
N ASP D 230 -4.06 -20.56 -20.34
CA ASP D 230 -2.95 -20.65 -21.28
C ASP D 230 -2.36 -19.26 -21.69
N ILE D 231 -1.70 -18.59 -20.72
CA ILE D 231 -1.25 -17.22 -20.93
C ILE D 231 0.28 -17.07 -20.91
N LYS D 232 1.00 -18.14 -20.61
CA LYS D 232 2.46 -18.03 -20.40
C LYS D 232 3.29 -17.68 -21.61
N GLU D 233 2.77 -17.98 -22.78
CA GLU D 233 3.50 -17.70 -23.99
C GLU D 233 3.19 -16.32 -24.52
N LYS D 234 1.92 -16.02 -24.69
CA LYS D 234 1.50 -14.78 -25.26
C LYS D 234 1.74 -13.55 -24.43
N ASN D 235 1.88 -13.71 -23.11
CA ASN D 235 2.09 -12.54 -22.24
C ASN D 235 3.45 -11.91 -22.43
N LYS D 236 4.41 -12.68 -22.92
CA LYS D 236 5.79 -12.19 -22.98
C LYS D 236 5.79 -10.99 -23.88
N ASP D 237 5.21 -11.17 -25.05
CA ASP D 237 5.04 -10.05 -25.97
C ASP D 237 4.07 -8.98 -25.49
N LEU D 238 2.98 -9.40 -24.86
CA LEU D 238 2.02 -8.43 -24.36
C LEU D 238 2.72 -7.46 -23.35
N ILE D 239 3.54 -8.00 -22.45
CA ILE D 239 4.21 -7.12 -21.49
C ILE D 239 5.29 -6.22 -22.16
N GLU D 240 6.03 -6.76 -23.13
CA GLU D 240 6.96 -5.93 -23.90
C GLU D 240 6.30 -4.72 -24.57
N LYS D 241 5.16 -4.97 -25.21
CA LYS D 241 4.40 -3.91 -25.85
C LYS D 241 3.78 -2.91 -24.88
N PHE D 242 3.45 -3.35 -23.67
CA PHE D 242 3.03 -2.43 -22.58
C PHE D 242 4.21 -1.47 -22.22
N LYS D 243 5.41 -2.04 -22.10
CA LYS D 243 6.60 -1.23 -21.87
C LYS D 243 6.83 -0.22 -23.01
N GLU D 244 6.79 -0.65 -24.27
CA GLU D 244 6.99 0.30 -25.37
C GLU D 244 5.99 1.47 -25.27
N HIS D 245 4.74 1.11 -24.99
CA HIS D 245 3.68 2.09 -24.86
C HIS D 245 3.99 3.14 -23.77
N VAL D 246 4.44 2.69 -22.60
CA VAL D 246 4.67 3.59 -21.48
C VAL D 246 5.84 4.52 -21.80
N ALA D 247 6.92 3.95 -22.34
CA ALA D 247 8.15 4.69 -22.60
C ALA D 247 7.91 5.83 -23.58
N LYS D 248 7.10 5.62 -24.61
CA LYS D 248 6.69 6.72 -25.49
C LYS D 248 6.00 7.90 -24.81
N LYS D 249 5.47 7.76 -23.60
CA LYS D 249 4.89 8.93 -22.89
C LYS D 249 5.97 9.95 -22.46
N TYR D 250 7.17 9.45 -22.24
CA TYR D 250 8.31 10.23 -21.78
C TYR D 250 9.52 10.37 -22.74
N ASN D 251 9.62 9.52 -23.76
CA ASN D 251 10.88 9.38 -24.56
C ASN D 251 11.33 10.74 -25.11
N GLU D 252 10.43 11.46 -25.78
CA GLU D 252 10.85 12.68 -26.47
C GLU D 252 11.36 13.71 -25.47
N GLN D 253 10.73 13.82 -24.32
CA GLN D 253 11.14 14.81 -23.34
C GLN D 253 12.39 14.44 -22.54
N VAL D 254 12.68 13.16 -22.32
CA VAL D 254 13.74 12.77 -21.35
C VAL D 254 14.97 12.04 -21.93
N LEU D 255 14.84 11.52 -23.14
CA LEU D 255 15.88 10.61 -23.64
C LEU D 255 17.12 11.34 -24.12
N ASN D 256 18.27 10.80 -23.75
CA ASN D 256 19.55 11.12 -24.38
C ASN D 256 19.77 10.19 -25.54
N ALA D 257 20.63 10.57 -26.47
CA ALA D 257 20.93 9.71 -27.63
C ALA D 257 21.34 8.29 -27.25
N ASP D 258 22.07 8.09 -26.15
CA ASP D 258 22.43 6.74 -25.75
C ASP D 258 21.29 5.94 -25.07
N GLY D 259 20.09 6.49 -25.02
CA GLY D 259 18.95 5.78 -24.44
C GLY D 259 18.85 5.88 -22.91
N THR D 260 19.78 6.60 -22.28
CA THR D 260 19.62 6.95 -20.86
C THR D 260 18.63 8.12 -20.74
N ALA D 261 18.22 8.42 -19.51
CA ALA D 261 17.21 9.50 -19.34
C ALA D 261 17.75 10.72 -18.55
N GLN D 262 17.21 11.89 -18.84
CA GLN D 262 17.50 13.10 -18.09
C GLN D 262 16.57 13.20 -16.88
N TRP D 263 17.11 12.89 -15.71
CA TRP D 263 16.24 12.77 -14.54
C TRP D 263 15.51 14.05 -14.21
N HIS D 264 16.18 15.17 -14.48
CA HIS D 264 15.58 16.49 -14.22
C HIS D 264 14.42 16.85 -15.14
N LYS D 265 14.44 16.37 -16.39
CA LYS D 265 13.29 16.48 -17.30
C LYS D 265 12.10 15.60 -16.86
N LEU D 266 12.43 14.40 -16.38
CA LEU D 266 11.44 13.49 -15.86
C LEU D 266 10.73 14.12 -14.65
N LEU D 267 11.53 14.66 -13.72
CA LEU D 267 11.02 15.38 -12.54
C LEU D 267 10.12 16.55 -12.96
N GLU D 268 10.60 17.38 -13.88
CA GLU D 268 9.82 18.57 -14.31
C GLU D 268 8.44 18.19 -14.80
N MET D 269 8.42 17.17 -15.67
CA MET D 269 7.16 16.61 -16.24
C MET D 269 6.21 16.11 -15.21
N ILE D 270 6.72 15.40 -14.21
CA ILE D 270 5.87 14.76 -13.27
C ILE D 270 5.32 15.73 -12.25
N ASN D 271 6.18 16.69 -11.84
CA ASN D 271 5.91 17.52 -10.65
C ASN D 271 5.18 18.83 -10.88
N GLU D 272 4.75 19.07 -12.10
CA GLU D 272 3.83 20.19 -12.33
C GLU D 272 2.87 19.86 -13.45
#